data_4PRK
#
_entry.id   4PRK
#
_cell.length_a   90.532
_cell.length_b   90.532
_cell.length_c   157.780
_cell.angle_alpha   90.000
_cell.angle_beta   90.000
_cell.angle_gamma   120.000
#
_symmetry.space_group_name_H-M   'P 31 2 1'
#
loop_
_entity.id
_entity.type
_entity.pdbx_description
1 polymer '4-phosphoerythronate dehydrogenase'
2 water water
#
_entity_poly.entity_id   1
_entity_poly.type   'polypeptide(L)'
_entity_poly.pdbx_seq_one_letter_code
;MKIAVFSPSESERKLVAATEKKFGCELKLIDESLSAENVDQVADCDGVLLKPLGNLDDEIVYKKLADYGIKSIGLRIVGT
NTIDFDLAKKYHLTVTNVPVYSPRAIAEMAVTQAMYLNRKIGEFKANMDKGDFTNPDSLISNEIYNKTIGLIGVGHIGSA
VAQIFSAMGAKVLAYDVIYNPEVEPYLTYADFDTVLKEADIISLHTPLLKSTENMIGKKQFAEMKNDAILINAARGELVD
TAALIEALEKHEIAAAGLDTLAHESSYFFKKVDDAQIPADYKKLAAMPNVIVTPHSAYFTKTSVRNMIEISLRDTIALAN
GERAHFVVSRHHHHHH
;
_entity_poly.pdbx_strand_id   A,B
#
# COMPACT_ATOMS: atom_id res chain seq x y z
N MET A 1 14.13 40.33 12.23
CA MET A 1 12.88 39.55 12.15
C MET A 1 12.95 38.31 13.10
N LYS A 2 12.22 38.37 14.23
CA LYS A 2 12.09 37.25 15.17
C LYS A 2 10.61 36.81 15.33
N ILE A 3 10.36 35.51 15.15
CA ILE A 3 9.00 34.91 15.25
C ILE A 3 8.97 33.81 16.33
N ALA A 4 8.15 33.99 17.35
CA ALA A 4 8.07 32.98 18.39
C ALA A 4 7.27 31.78 17.89
N VAL A 5 7.76 30.59 18.22
CA VAL A 5 7.10 29.36 17.85
C VAL A 5 6.74 28.59 19.10
N PHE A 6 5.45 28.38 19.32
CA PHE A 6 4.99 27.78 20.54
C PHE A 6 4.74 26.31 20.37
N SER A 7 5.23 25.52 21.32
CA SER A 7 4.96 24.10 21.32
C SER A 7 5.36 23.36 20.05
N PRO A 8 6.60 23.49 19.62
CA PRO A 8 7.00 22.68 18.46
C PRO A 8 7.04 21.17 18.69
N SER A 9 6.69 20.41 17.66
CA SER A 9 6.89 18.98 17.63
C SER A 9 8.37 18.75 17.49
N GLU A 10 8.77 17.53 17.77
CA GLU A 10 10.12 17.08 17.54
C GLU A 10 10.56 17.21 16.03
N SER A 11 9.67 16.84 15.12
CA SER A 11 9.94 16.96 13.70
C SER A 11 10.04 18.44 13.39
N GLU A 12 9.17 19.27 13.97
CA GLU A 12 9.27 20.70 13.73
C GLU A 12 10.66 21.25 14.16
N ARG A 13 11.18 20.77 15.29
CA ARG A 13 12.49 21.25 15.83
C ARG A 13 13.63 21.05 14.85
N LYS A 14 13.63 19.85 14.30
CA LYS A 14 14.59 19.46 13.31
C LYS A 14 14.66 20.35 12.12
N LEU A 15 13.59 21.02 11.71
CA LEU A 15 13.65 21.90 10.51
C LEU A 15 14.07 23.31 10.84
N VAL A 16 14.15 23.63 12.11
CA VAL A 16 14.20 25.03 12.49
C VAL A 16 15.32 25.81 11.84
N ALA A 17 16.49 25.23 11.89
CA ALA A 17 17.65 25.97 11.47
C ALA A 17 17.53 26.21 10.01
N ALA A 18 17.05 25.23 9.25
CA ALA A 18 16.97 25.39 7.79
C ALA A 18 15.95 26.49 7.45
N THR A 19 14.91 26.59 8.28
CA THR A 19 13.85 27.55 8.01
C THR A 19 14.36 28.97 8.27
N GLU A 20 15.16 29.10 9.34
CA GLU A 20 15.81 30.38 9.65
C GLU A 20 16.60 30.84 8.43
N LYS A 21 17.49 29.98 7.96
CA LYS A 21 18.30 30.30 6.81
C LYS A 21 17.43 30.63 5.60
N LYS A 22 16.40 29.82 5.34
CA LYS A 22 15.52 30.05 4.20
C LYS A 22 14.72 31.35 4.32
N PHE A 23 14.19 31.68 5.48
CA PHE A 23 13.48 32.95 5.59
C PHE A 23 14.34 34.11 6.04
N GLY A 24 15.59 33.84 6.40
CA GLY A 24 16.42 34.88 6.96
C GLY A 24 15.71 35.55 8.12
N CYS A 25 15.16 34.74 9.01
CA CYS A 25 14.56 35.25 10.23
C CYS A 25 15.00 34.34 11.34
N GLU A 26 14.71 34.73 12.57
CA GLU A 26 15.08 33.96 13.73
C GLU A 26 13.83 33.39 14.31
N LEU A 27 13.89 32.13 14.73
CA LEU A 27 12.73 31.47 15.38
C LEU A 27 12.98 31.19 16.86
N LYS A 28 12.24 31.88 17.72
CA LYS A 28 12.28 31.64 19.16
C LYS A 28 11.33 30.55 19.61
N LEU A 29 11.89 29.38 19.96
CA LEU A 29 11.03 28.24 20.25
C LEU A 29 10.65 28.18 21.66
N ILE A 30 9.36 28.16 21.94
CA ILE A 30 8.86 27.88 23.30
C ILE A 30 8.19 26.48 23.39
N ASP A 31 8.62 25.69 24.39
CA ASP A 31 8.20 24.29 24.50
C ASP A 31 6.71 24.16 24.67
N GLU A 32 6.14 25.06 25.45
CA GLU A 32 4.71 25.01 25.72
C GLU A 32 3.91 25.91 24.83
N SER A 33 2.61 25.65 24.84
CA SER A 33 1.64 26.48 24.17
C SER A 33 1.51 27.83 24.85
N LEU A 34 1.10 28.82 24.09
CA LEU A 34 0.99 30.16 24.59
C LEU A 34 0.03 30.17 25.76
N SER A 35 0.42 30.87 26.80
CA SER A 35 -0.41 31.01 27.99
C SER A 35 0.02 32.25 28.76
N ALA A 36 -0.78 32.62 29.74
CA ALA A 36 -0.49 33.82 30.50
C ALA A 36 0.89 33.62 31.10
N GLU A 37 1.21 32.37 31.40
CA GLU A 37 2.50 32.00 31.94
C GLU A 37 3.68 32.32 31.03
N ASN A 38 3.52 32.11 29.72
CA ASN A 38 4.63 32.36 28.79
C ASN A 38 4.55 33.56 27.84
N VAL A 39 3.51 34.37 27.95
CA VAL A 39 3.28 35.41 26.96
C VAL A 39 4.37 36.47 26.84
N ASP A 40 5.01 36.81 27.96
CA ASP A 40 6.01 37.87 28.00
C ASP A 40 7.28 37.54 27.23
N GLN A 41 7.42 36.29 26.82
CA GLN A 41 8.50 35.86 25.91
C GLN A 41 8.31 36.28 24.43
N VAL A 42 7.13 36.78 24.15
CA VAL A 42 6.79 37.33 22.85
C VAL A 42 7.31 38.74 22.70
N ALA A 43 7.81 39.28 23.80
CA ALA A 43 8.08 40.69 23.91
C ALA A 43 9.08 41.16 22.86
N ASP A 44 10.08 40.35 22.58
CA ASP A 44 11.10 40.71 21.61
C ASP A 44 10.80 40.13 20.24
N CYS A 45 9.54 39.80 20.03
CA CYS A 45 9.12 39.07 18.85
C CYS A 45 8.25 39.88 17.90
N ASP A 46 8.53 39.77 16.61
CA ASP A 46 7.70 40.33 15.55
C ASP A 46 6.29 39.71 15.38
N GLY A 47 6.19 38.41 15.56
CA GLY A 47 4.96 37.67 15.31
C GLY A 47 4.92 36.32 16.01
N VAL A 48 3.78 35.65 16.03
CA VAL A 48 3.67 34.40 16.75
C VAL A 48 3.12 33.25 15.88
N LEU A 49 3.62 32.03 16.13
CA LEU A 49 3.15 30.81 15.47
C LEU A 49 2.64 29.85 16.56
N LEU A 50 1.34 29.51 16.47
CA LEU A 50 0.66 28.77 17.54
C LEU A 50 0.28 27.36 17.14
N LYS A 51 0.39 26.45 18.09
CA LYS A 51 -0.13 25.11 17.98
C LYS A 51 -0.83 24.84 19.28
N PRO A 52 -2.13 25.40 19.39
CA PRO A 52 -2.65 25.34 20.76
C PRO A 52 -3.20 23.98 21.14
N LEU A 53 -2.70 23.43 22.23
CA LEU A 53 -3.24 22.19 22.74
C LEU A 53 -4.69 22.37 23.21
N GLY A 54 -4.93 23.47 23.89
CA GLY A 54 -6.14 23.68 24.65
C GLY A 54 -6.67 25.07 24.41
N ASN A 55 -7.85 25.37 24.90
CA ASN A 55 -8.40 26.69 24.68
C ASN A 55 -7.47 27.79 25.22
N LEU A 56 -7.25 28.78 24.38
CA LEU A 56 -6.61 30.06 24.68
C LEU A 56 -7.73 31.01 25.17
N ASP A 57 -8.04 30.88 26.45
CA ASP A 57 -9.22 31.50 27.05
C ASP A 57 -8.93 32.92 27.62
N ASP A 58 -8.00 33.02 28.59
CA ASP A 58 -7.62 34.31 29.24
C ASP A 58 -7.54 35.43 28.22
N GLU A 59 -7.90 36.65 28.61
CA GLU A 59 -7.82 37.81 27.72
C GLU A 59 -6.49 38.57 27.81
N ILE A 60 -5.74 38.39 28.90
CA ILE A 60 -4.51 39.18 29.16
C ILE A 60 -3.38 38.76 28.19
N VAL A 61 -3.43 37.51 27.76
CA VAL A 61 -2.61 37.02 26.66
C VAL A 61 -2.84 37.89 25.40
N TYR A 62 -4.10 37.99 24.97
CA TYR A 62 -4.48 38.80 23.82
C TYR A 62 -4.16 40.29 24.02
N LYS A 63 -4.47 40.83 25.21
CA LYS A 63 -4.13 42.23 25.50
C LYS A 63 -2.64 42.40 25.33
N LYS A 64 -1.88 41.47 25.90
CA LYS A 64 -0.42 41.56 25.90
C LYS A 64 0.28 41.35 24.54
N LEU A 65 -0.26 40.48 23.67
CA LEU A 65 0.24 40.39 22.28
C LEU A 65 0.04 41.72 21.55
N ALA A 66 -1.17 42.25 21.68
CA ALA A 66 -1.51 43.58 21.19
C ALA A 66 -0.60 44.64 21.80
N ASP A 67 -0.38 44.57 23.11
CA ASP A 67 0.61 45.46 23.76
C ASP A 67 2.02 45.32 23.14
N TYR A 68 2.42 44.11 22.75
CA TYR A 68 3.76 43.90 22.16
C TYR A 68 3.84 44.16 20.66
N GLY A 69 2.82 44.80 20.09
CA GLY A 69 2.82 45.16 18.67
C GLY A 69 2.52 43.99 17.73
N ILE A 70 2.19 42.83 18.30
CA ILE A 70 1.91 41.63 17.50
C ILE A 70 0.58 41.89 16.79
N LYS A 71 0.59 41.73 15.46
CA LYS A 71 -0.58 42.07 14.61
C LYS A 71 -1.44 40.86 14.17
N SER A 72 -0.98 39.63 14.45
CA SER A 72 -1.75 38.44 14.09
C SER A 72 -1.44 37.23 14.99
N ILE A 73 -2.26 36.18 14.85
CA ILE A 73 -2.00 34.83 15.39
C ILE A 73 -1.90 33.78 14.24
N GLY A 74 -0.68 33.27 14.05
CA GLY A 74 -0.40 32.28 13.00
C GLY A 74 -0.59 30.87 13.55
N LEU A 75 -1.79 30.36 13.42
CA LEU A 75 -2.07 28.93 13.59
C LEU A 75 -1.21 28.17 12.62
N ARG A 76 -0.51 27.15 13.11
CA ARG A 76 0.29 26.26 12.22
C ARG A 76 -0.57 25.11 11.72
N ILE A 77 -1.74 24.98 12.36
CA ILE A 77 -2.70 23.94 12.09
C ILE A 77 -3.93 24.49 11.37
N VAL A 78 -4.82 23.56 11.07
CA VAL A 78 -6.06 23.86 10.41
C VAL A 78 -7.17 24.29 11.36
N GLY A 79 -7.31 23.62 12.49
CA GLY A 79 -8.42 23.88 13.41
C GLY A 79 -8.25 25.17 14.17
N THR A 80 -9.31 25.98 14.22
CA THR A 80 -9.30 27.26 14.95
C THR A 80 -10.20 27.24 16.15
N ASN A 81 -10.74 26.08 16.48
CA ASN A 81 -11.61 25.93 17.63
C ASN A 81 -11.11 26.62 18.91
N THR A 82 -9.82 26.49 19.24
CA THR A 82 -9.30 27.05 20.52
C THR A 82 -9.02 28.57 20.47
N ILE A 83 -9.27 29.21 19.32
CA ILE A 83 -9.15 30.65 19.24
C ILE A 83 -10.49 31.28 19.58
N ASP A 84 -10.51 32.02 20.68
CA ASP A 84 -11.63 32.89 21.02
C ASP A 84 -11.61 34.14 20.10
N PHE A 85 -12.28 34.02 18.95
CA PHE A 85 -12.25 35.02 17.84
C PHE A 85 -12.79 36.40 18.23
N ASP A 86 -13.61 36.38 19.29
CA ASP A 86 -14.18 37.57 19.90
C ASP A 86 -13.05 38.46 20.45
N LEU A 87 -12.22 37.89 21.33
CA LEU A 87 -11.04 38.61 21.83
C LEU A 87 -10.12 39.07 20.68
N ALA A 88 -9.97 38.26 19.64
CA ALA A 88 -9.12 38.60 18.50
C ALA A 88 -9.53 39.93 17.85
N LYS A 89 -10.81 40.06 17.54
CA LYS A 89 -11.37 41.29 16.96
C LYS A 89 -11.16 42.48 17.91
N LYS A 90 -11.48 42.28 19.20
CA LYS A 90 -11.27 43.30 20.22
C LYS A 90 -9.87 43.94 20.14
N TYR A 91 -8.84 43.10 19.98
CA TYR A 91 -7.45 43.56 19.98
C TYR A 91 -6.85 43.64 18.59
N HIS A 92 -7.67 43.77 17.55
CA HIS A 92 -7.18 43.96 16.18
C HIS A 92 -6.19 42.87 15.74
N LEU A 93 -6.38 41.64 16.24
CA LEU A 93 -5.48 40.53 15.93
C LEU A 93 -6.03 39.68 14.76
N THR A 94 -5.53 39.91 13.54
CA THR A 94 -5.84 39.01 12.41
C THR A 94 -5.51 37.56 12.89
N VAL A 95 -6.29 36.58 12.42
CA VAL A 95 -6.01 35.14 12.68
C VAL A 95 -5.81 34.44 11.33
N THR A 96 -4.66 33.75 11.17
CA THR A 96 -4.42 32.95 9.99
C THR A 96 -4.26 31.50 10.40
N ASN A 97 -4.36 30.62 9.41
CA ASN A 97 -4.18 29.22 9.67
C ASN A 97 -3.58 28.53 8.46
N VAL A 98 -3.34 27.23 8.61
CA VAL A 98 -2.90 26.38 7.49
C VAL A 98 -3.97 25.31 7.14
N PRO A 99 -4.85 25.68 6.21
CA PRO A 99 -5.84 24.78 5.65
C PRO A 99 -5.28 23.61 4.83
N VAL A 100 -4.23 23.84 4.07
CA VAL A 100 -3.72 22.83 3.15
C VAL A 100 -2.26 22.46 3.45
N TYR A 101 -2.05 21.50 4.37
CA TYR A 101 -0.72 21.03 4.73
C TYR A 101 0.06 20.33 3.61
N SER A 102 -0.49 19.20 3.18
CA SER A 102 -0.16 18.52 1.95
C SER A 102 -1.28 17.57 1.60
N PRO A 103 -2.15 17.90 0.65
CA PRO A 103 -3.22 16.92 0.38
C PRO A 103 -2.69 15.56 -0.06
N ARG A 104 -1.57 15.50 -0.77
CA ARG A 104 -0.98 14.24 -1.17
C ARG A 104 -0.56 13.33 0.01
N ALA A 105 -0.08 13.92 1.10
CA ALA A 105 0.28 13.14 2.30
C ALA A 105 -0.90 12.31 2.71
N ILE A 106 -2.03 12.96 2.85
CA ILE A 106 -3.21 12.24 3.27
C ILE A 106 -3.74 11.27 2.21
N ALA A 107 -3.78 11.71 0.94
CA ALA A 107 -4.32 10.88 -0.10
C ALA A 107 -3.49 9.60 -0.23
N GLU A 108 -2.19 9.73 -0.04
CA GLU A 108 -1.28 8.58 -0.22
C GLU A 108 -1.44 7.57 0.90
N MET A 109 -1.80 8.06 2.06
CA MET A 109 -2.03 7.15 3.21
C MET A 109 -3.33 6.35 2.88
N ALA A 110 -4.33 7.05 2.41
CA ALA A 110 -5.56 6.39 2.03
C ALA A 110 -5.32 5.30 0.97
N VAL A 111 -4.59 5.66 -0.09
CA VAL A 111 -4.33 4.72 -1.18
C VAL A 111 -3.52 3.53 -0.65
N THR A 112 -2.45 3.84 0.08
CA THR A 112 -1.59 2.81 0.64
C THR A 112 -2.40 1.82 1.45
N GLN A 113 -3.23 2.34 2.34
CA GLN A 113 -4.05 1.44 3.19
C GLN A 113 -5.03 0.63 2.36
N ALA A 114 -5.68 1.27 1.39
CA ALA A 114 -6.57 0.53 0.47
C ALA A 114 -5.86 -0.59 -0.30
N MET A 115 -4.63 -0.33 -0.76
CA MET A 115 -3.95 -1.33 -1.56
C MET A 115 -3.52 -2.49 -0.67
N TYR A 116 -2.91 -2.18 0.46
CA TYR A 116 -2.58 -3.25 1.42
C TYR A 116 -3.77 -4.16 1.75
N LEU A 117 -4.88 -3.55 2.13
CA LEU A 117 -6.08 -4.33 2.44
C LEU A 117 -6.61 -5.06 1.26
N ASN A 118 -6.54 -4.46 0.07
CA ASN A 118 -6.94 -5.12 -1.20
C ASN A 118 -6.11 -6.33 -1.47
N ARG A 119 -4.82 -6.26 -1.16
CA ARG A 119 -3.95 -7.39 -1.34
C ARG A 119 -4.04 -8.40 -0.15
N LYS A 120 -4.80 -8.03 0.89
CA LYS A 120 -5.05 -8.89 2.08
C LYS A 120 -3.78 -9.38 2.73
N ILE A 121 -2.78 -8.50 2.77
CA ILE A 121 -1.49 -8.86 3.28
C ILE A 121 -1.63 -9.27 4.75
N GLY A 122 -2.48 -8.59 5.51
CA GLY A 122 -2.63 -8.85 6.92
C GLY A 122 -3.36 -10.14 7.16
N GLU A 123 -4.29 -10.47 6.28
CA GLU A 123 -4.96 -11.76 6.36
C GLU A 123 -3.95 -12.90 6.02
N PHE A 124 -3.08 -12.72 5.02
CA PHE A 124 -2.03 -13.70 4.79
C PHE A 124 -1.17 -13.81 6.03
N LYS A 125 -0.85 -12.70 6.68
CA LYS A 125 -0.03 -12.76 7.88
C LYS A 125 -0.69 -13.57 9.03
N ALA A 126 -1.94 -13.26 9.33
CA ALA A 126 -2.68 -13.98 10.37
C ALA A 126 -2.69 -15.49 10.09
N ASN A 127 -2.80 -15.82 8.82
CA ASN A 127 -2.76 -17.17 8.36
C ASN A 127 -1.35 -17.82 8.54
N MET A 128 -0.30 -17.09 8.20
CA MET A 128 1.05 -17.59 8.32
C MET A 128 1.38 -17.76 9.78
N ASP A 129 0.91 -16.84 10.61
CA ASP A 129 1.13 -16.93 12.04
C ASP A 129 0.65 -18.30 12.58
N LYS A 130 -0.39 -18.90 11.98
CA LYS A 130 -0.88 -20.22 12.33
C LYS A 130 -0.29 -21.33 11.48
N GLY A 131 0.78 -21.04 10.76
CA GLY A 131 1.42 -22.03 9.94
C GLY A 131 0.78 -22.33 8.61
N ASP A 132 -0.17 -21.50 8.17
CA ASP A 132 -0.82 -21.73 6.87
C ASP A 132 -0.26 -20.77 5.82
N PHE A 133 0.55 -21.31 4.91
CA PHE A 133 1.26 -20.55 3.90
C PHE A 133 0.65 -20.79 2.52
N THR A 134 -0.61 -21.18 2.47
CA THR A 134 -1.22 -21.51 1.19
C THR A 134 -1.75 -20.25 0.50
N ASN A 135 -2.38 -20.48 -0.67
CA ASN A 135 -3.12 -19.44 -1.38
C ASN A 135 -4.56 -19.85 -1.60
N PRO A 136 -5.35 -19.92 -0.50
CA PRO A 136 -6.76 -20.19 -0.61
C PRO A 136 -7.53 -19.10 -1.39
N ASP A 137 -8.66 -19.44 -2.00
CA ASP A 137 -9.44 -18.46 -2.79
C ASP A 137 -10.02 -17.29 -1.98
N SER A 138 -10.21 -17.51 -0.68
CA SER A 138 -10.74 -16.52 0.17
C SER A 138 -9.74 -15.34 0.31
N LEU A 139 -8.46 -15.55 0.01
CA LEU A 139 -7.44 -14.53 -0.03
C LEU A 139 -7.00 -14.12 -1.46
N ILE A 140 -7.75 -14.49 -2.49
CA ILE A 140 -7.42 -14.00 -3.84
C ILE A 140 -7.64 -12.50 -3.91
N SER A 141 -6.85 -11.84 -4.73
CA SER A 141 -6.89 -10.39 -4.82
C SER A 141 -7.26 -9.96 -6.22
N ASN A 142 -7.06 -8.70 -6.52
CA ASN A 142 -7.39 -8.20 -7.85
C ASN A 142 -6.57 -6.92 -8.22
N GLU A 143 -6.42 -6.67 -9.52
CA GLU A 143 -5.59 -5.56 -9.95
C GLU A 143 -6.44 -4.34 -9.74
N ILE A 144 -5.77 -3.25 -9.44
CA ILE A 144 -6.46 -2.05 -9.09
C ILE A 144 -7.20 -1.47 -10.29
N TYR A 145 -6.70 -1.68 -11.52
CA TYR A 145 -7.47 -1.26 -12.72
C TYR A 145 -8.73 -2.10 -12.92
N ASN A 146 -9.03 -3.08 -12.07
CA ASN A 146 -10.35 -3.72 -12.20
C ASN A 146 -11.35 -3.23 -11.18
N LYS A 147 -10.97 -2.29 -10.35
CA LYS A 147 -11.78 -1.87 -9.22
C LYS A 147 -12.42 -0.55 -9.51
N THR A 148 -13.51 -0.27 -8.80
CA THR A 148 -14.16 1.01 -8.78
C THR A 148 -13.91 1.64 -7.42
N ILE A 149 -13.53 2.91 -7.44
CA ILE A 149 -13.23 3.65 -6.26
C ILE A 149 -14.40 4.57 -6.10
N GLY A 150 -14.85 4.73 -4.86
CA GLY A 150 -15.96 5.61 -4.56
C GLY A 150 -15.59 6.58 -3.49
N LEU A 151 -15.70 7.83 -3.82
CA LEU A 151 -15.31 8.90 -2.92
C LEU A 151 -16.56 9.61 -2.37
N ILE A 152 -16.66 9.79 -1.04
CA ILE A 152 -17.80 10.52 -0.47
C ILE A 152 -17.29 11.87 -0.06
N GLY A 153 -17.56 12.89 -0.85
CA GLY A 153 -16.77 14.11 -0.75
C GLY A 153 -15.51 14.03 -1.63
N VAL A 154 -15.06 15.18 -2.12
CA VAL A 154 -13.79 15.25 -2.86
C VAL A 154 -12.80 16.19 -2.16
N GLY A 155 -12.88 17.49 -2.44
CA GLY A 155 -11.91 18.43 -1.87
C GLY A 155 -10.51 18.17 -2.44
N HIS A 156 -9.55 18.92 -1.91
CA HIS A 156 -8.14 18.81 -2.30
C HIS A 156 -7.61 17.39 -2.09
N ILE A 157 -7.96 16.74 -0.98
CA ILE A 157 -7.49 15.38 -0.66
C ILE A 157 -8.10 14.28 -1.54
N GLY A 158 -9.41 14.29 -1.60
CA GLY A 158 -10.16 13.32 -2.41
C GLY A 158 -9.79 13.40 -3.87
N SER A 159 -9.62 14.63 -4.29
CA SER A 159 -9.13 14.87 -5.63
C SER A 159 -7.79 14.23 -5.90
N ALA A 160 -6.88 14.34 -4.96
CA ALA A 160 -5.58 13.69 -5.08
C ALA A 160 -5.71 12.14 -5.08
N VAL A 161 -6.63 11.63 -4.28
CA VAL A 161 -6.89 10.17 -4.24
C VAL A 161 -7.39 9.68 -5.60
N ALA A 162 -8.21 10.50 -6.21
CA ALA A 162 -8.80 10.22 -7.51
C ALA A 162 -7.73 10.27 -8.63
N GLN A 163 -6.86 11.27 -8.58
CA GLN A 163 -5.72 11.32 -9.51
C GLN A 163 -4.84 10.07 -9.43
N ILE A 164 -4.51 9.65 -8.23
CA ILE A 164 -3.64 8.48 -8.07
C ILE A 164 -4.36 7.22 -8.53
N PHE A 165 -5.60 7.03 -8.04
CA PHE A 165 -6.30 5.81 -8.47
C PHE A 165 -6.53 5.74 -9.98
N SER A 166 -6.93 6.85 -10.60
CA SER A 166 -7.21 6.82 -12.06
C SER A 166 -5.91 6.66 -12.83
N ALA A 167 -4.79 7.12 -12.28
CA ALA A 167 -3.53 6.93 -12.98
C ALA A 167 -3.08 5.47 -12.92
N MET A 168 -3.57 4.68 -11.94
CA MET A 168 -3.33 3.22 -11.96
C MET A 168 -4.36 2.46 -12.83
N GLY A 169 -5.32 3.19 -13.39
CA GLY A 169 -6.31 2.61 -14.27
C GLY A 169 -7.66 2.30 -13.62
N ALA A 170 -7.83 2.57 -12.33
CA ALA A 170 -9.12 2.36 -11.69
C ALA A 170 -10.21 3.28 -12.21
N LYS A 171 -11.46 2.86 -12.12
CA LYS A 171 -12.56 3.77 -12.36
C LYS A 171 -12.92 4.46 -11.04
N VAL A 172 -13.01 5.78 -11.04
CA VAL A 172 -13.28 6.52 -9.83
C VAL A 172 -14.60 7.29 -9.95
N LEU A 173 -15.47 7.10 -8.97
CA LEU A 173 -16.73 7.80 -8.84
C LEU A 173 -16.68 8.63 -7.59
N ALA A 174 -17.35 9.76 -7.60
CA ALA A 174 -17.41 10.59 -6.42
C ALA A 174 -18.78 11.23 -6.21
N TYR A 175 -19.25 11.26 -4.96
CA TYR A 175 -20.43 12.01 -4.56
C TYR A 175 -19.97 13.34 -4.01
N ASP A 176 -20.58 14.43 -4.44
CA ASP A 176 -20.28 15.72 -3.82
C ASP A 176 -21.44 16.70 -4.00
N VAL A 177 -21.45 17.75 -3.22
CA VAL A 177 -22.52 18.73 -3.27
C VAL A 177 -22.08 20.00 -3.96
N ILE A 178 -20.83 20.07 -4.43
CA ILE A 178 -20.40 21.17 -5.30
C ILE A 178 -19.67 20.55 -6.46
N TYR A 179 -19.74 21.22 -7.60
CA TYR A 179 -19.17 20.74 -8.84
C TYR A 179 -17.77 21.37 -9.03
N ASN A 180 -16.73 20.57 -9.27
CA ASN A 180 -15.45 21.15 -9.73
C ASN A 180 -15.00 20.59 -11.06
N PRO A 181 -15.05 21.42 -12.10
CA PRO A 181 -14.74 20.91 -13.41
C PRO A 181 -13.32 20.35 -13.54
N GLU A 182 -12.41 20.87 -12.74
CA GLU A 182 -11.02 20.41 -12.84
C GLU A 182 -10.76 18.99 -12.35
N VAL A 183 -11.65 18.41 -11.57
CA VAL A 183 -11.50 16.97 -11.21
C VAL A 183 -12.04 15.93 -12.24
N GLU A 184 -12.79 16.39 -13.24
CA GLU A 184 -13.42 15.41 -14.12
C GLU A 184 -12.53 14.53 -14.97
N PRO A 185 -11.27 14.93 -15.23
CA PRO A 185 -10.41 13.95 -15.95
C PRO A 185 -10.16 12.71 -15.12
N TYR A 186 -10.34 12.80 -13.81
CA TYR A 186 -9.99 11.71 -12.93
C TYR A 186 -11.16 11.01 -12.24
N LEU A 187 -12.37 11.55 -12.31
CA LEU A 187 -13.50 10.91 -11.64
C LEU A 187 -14.76 11.26 -12.40
N THR A 188 -15.86 10.57 -12.06
CA THR A 188 -17.20 10.85 -12.62
C THR A 188 -18.12 11.07 -11.45
N TYR A 189 -18.79 12.21 -11.42
CA TYR A 189 -19.76 12.48 -10.37
C TYR A 189 -20.98 11.53 -10.48
N ALA A 190 -21.49 11.14 -9.32
CA ALA A 190 -22.57 10.20 -9.21
C ALA A 190 -23.32 10.42 -7.92
N ASP A 191 -24.50 9.84 -7.85
CA ASP A 191 -25.34 9.90 -6.67
C ASP A 191 -24.73 9.13 -5.53
N PHE A 192 -25.06 9.55 -4.33
CA PHE A 192 -24.47 8.99 -3.14
C PHE A 192 -24.78 7.51 -3.08
N ASP A 193 -26.00 7.12 -3.40
CA ASP A 193 -26.35 5.72 -3.38
C ASP A 193 -25.62 4.87 -4.42
N THR A 194 -25.45 5.40 -5.62
CA THR A 194 -24.66 4.73 -6.66
C THR A 194 -23.23 4.45 -6.18
N VAL A 195 -22.64 5.42 -5.52
CA VAL A 195 -21.26 5.30 -5.06
C VAL A 195 -21.13 4.16 -4.05
N LEU A 196 -21.99 4.12 -3.02
CA LEU A 196 -21.95 3.05 -2.05
C LEU A 196 -22.24 1.71 -2.68
N LYS A 197 -23.12 1.69 -3.66
CA LYS A 197 -23.47 0.41 -4.28
C LYS A 197 -22.42 -0.14 -5.24
N GLU A 198 -21.69 0.72 -5.96
CA GLU A 198 -20.85 0.28 -7.05
C GLU A 198 -19.38 0.30 -6.68
N ALA A 199 -19.02 0.98 -5.60
CA ALA A 199 -17.60 1.10 -5.29
C ALA A 199 -17.06 -0.17 -4.67
N ASP A 200 -15.90 -0.63 -5.11
CA ASP A 200 -15.18 -1.69 -4.38
C ASP A 200 -14.29 -1.14 -3.27
N ILE A 201 -13.89 0.13 -3.40
CA ILE A 201 -13.10 0.82 -2.37
C ILE A 201 -13.69 2.19 -2.14
N ILE A 202 -14.10 2.44 -0.91
CA ILE A 202 -14.79 3.68 -0.54
C ILE A 202 -13.86 4.50 0.32
N SER A 203 -13.64 5.73 -0.05
CA SER A 203 -12.82 6.59 0.74
C SER A 203 -13.53 7.85 1.07
N LEU A 204 -13.45 8.28 2.35
CA LEU A 204 -14.25 9.44 2.86
C LEU A 204 -13.49 10.77 2.86
N HIS A 205 -14.16 11.82 2.36
CA HIS A 205 -13.54 13.13 2.23
C HIS A 205 -14.56 14.23 2.49
N THR A 206 -15.31 14.06 3.57
CA THR A 206 -16.46 14.90 3.87
C THR A 206 -16.13 15.64 5.16
N PRO A 207 -16.44 16.96 5.24
CA PRO A 207 -16.23 17.67 6.51
C PRO A 207 -17.16 17.13 7.56
N LEU A 208 -16.68 17.03 8.79
CA LEU A 208 -17.54 16.68 9.90
C LEU A 208 -18.36 17.87 10.27
N LEU A 209 -19.67 17.70 10.20
CA LEU A 209 -20.63 18.70 10.57
C LEU A 209 -21.75 18.00 11.30
N LYS A 210 -22.67 18.77 11.86
CA LYS A 210 -23.82 18.17 12.51
C LYS A 210 -24.50 17.21 11.54
N SER A 211 -24.74 17.65 10.31
CA SER A 211 -25.46 16.82 9.39
C SER A 211 -24.72 15.59 8.88
N THR A 212 -23.41 15.47 9.14
CA THR A 212 -22.58 14.36 8.58
C THR A 212 -22.05 13.36 9.61
N GLU A 213 -22.37 13.61 10.89
CA GLU A 213 -21.99 12.70 11.95
C GLU A 213 -22.68 11.35 11.74
N ASN A 214 -21.96 10.25 11.90
CA ASN A 214 -22.48 8.89 11.52
C ASN A 214 -23.17 8.83 10.15
N MET A 215 -22.64 9.61 9.23
CA MET A 215 -23.09 9.50 7.87
C MET A 215 -22.93 8.08 7.33
N ILE A 216 -21.92 7.37 7.81
CA ILE A 216 -21.71 5.97 7.40
C ILE A 216 -22.10 5.14 8.58
N GLY A 217 -23.33 4.63 8.50
CA GLY A 217 -23.86 3.76 9.51
C GLY A 217 -24.39 2.43 9.02
N LYS A 218 -25.14 1.79 9.90
CA LYS A 218 -25.73 0.46 9.63
C LYS A 218 -26.34 0.38 8.23
N LYS A 219 -27.19 1.33 7.92
CA LYS A 219 -27.91 1.30 6.63
C LYS A 219 -26.88 1.42 5.48
N GLN A 220 -25.84 2.24 5.65
CA GLN A 220 -24.86 2.43 4.57
C GLN A 220 -23.94 1.20 4.35
N PHE A 221 -23.48 0.57 5.42
CA PHE A 221 -22.79 -0.73 5.31
C PHE A 221 -23.66 -1.77 4.60
N ALA A 222 -24.94 -1.80 4.94
CA ALA A 222 -25.79 -2.79 4.28
C ALA A 222 -25.83 -2.52 2.78
N GLU A 223 -25.71 -1.28 2.35
CA GLU A 223 -25.77 -0.93 0.93
C GLU A 223 -24.48 -1.27 0.16
N MET A 224 -23.34 -1.37 0.85
CA MET A 224 -22.06 -1.54 0.20
C MET A 224 -21.89 -2.96 -0.30
N LYS A 225 -20.93 -3.18 -1.20
CA LYS A 225 -20.66 -4.56 -1.64
C LYS A 225 -20.02 -5.33 -0.48
N ASN A 226 -20.22 -6.63 -0.42
CA ASN A 226 -19.71 -7.37 0.73
C ASN A 226 -18.18 -7.55 0.69
N ASP A 227 -17.56 -7.39 -0.47
CA ASP A 227 -16.08 -7.38 -0.53
C ASP A 227 -15.54 -5.93 -0.59
N ALA A 228 -16.31 -4.96 -0.09
CA ALA A 228 -15.93 -3.53 -0.11
C ALA A 228 -14.90 -3.23 0.94
N ILE A 229 -14.05 -2.27 0.63
CA ILE A 229 -12.99 -1.81 1.52
C ILE A 229 -13.34 -0.38 1.83
N LEU A 230 -13.47 -0.06 3.12
CA LEU A 230 -13.84 1.24 3.55
C LEU A 230 -12.59 1.94 4.07
N ILE A 231 -12.32 3.15 3.61
CA ILE A 231 -11.17 3.91 4.09
C ILE A 231 -11.68 5.20 4.66
N ASN A 232 -11.32 5.53 5.92
CA ASN A 232 -11.58 6.84 6.53
C ASN A 232 -10.30 7.50 7.08
N ALA A 233 -9.84 8.46 6.31
CA ALA A 233 -8.75 9.32 6.70
C ALA A 233 -9.23 10.76 6.77
N ALA A 234 -10.53 10.92 6.94
CA ALA A 234 -11.11 12.24 7.11
C ALA A 234 -11.40 12.54 8.58
N ARG A 235 -12.52 12.05 9.11
CA ARG A 235 -12.84 12.32 10.53
C ARG A 235 -13.57 11.14 11.08
N GLY A 236 -13.12 10.69 12.26
CA GLY A 236 -13.70 9.47 12.83
C GLY A 236 -15.22 9.51 12.99
N GLU A 237 -15.76 10.67 13.36
CA GLU A 237 -17.16 10.73 13.72
C GLU A 237 -18.11 10.60 12.52
N LEU A 238 -17.53 10.52 11.33
CA LEU A 238 -18.32 10.27 10.15
C LEU A 238 -18.82 8.87 10.12
N VAL A 239 -18.15 7.98 10.83
CA VAL A 239 -18.43 6.56 10.78
C VAL A 239 -18.90 6.08 12.14
N ASP A 240 -20.02 5.35 12.15
CA ASP A 240 -20.52 4.70 13.36
C ASP A 240 -19.69 3.46 13.59
N THR A 241 -18.76 3.54 14.54
CA THR A 241 -17.85 2.46 14.82
C THR A 241 -18.42 1.12 15.18
N ALA A 242 -19.46 1.12 15.97
CA ALA A 242 -20.22 -0.09 16.31
C ALA A 242 -20.68 -0.77 15.04
N ALA A 243 -21.30 0.01 14.16
CA ALA A 243 -21.83 -0.54 12.88
C ALA A 243 -20.70 -1.03 12.01
N LEU A 244 -19.54 -0.36 12.09
CA LEU A 244 -18.35 -0.75 11.34
C LEU A 244 -17.88 -2.14 11.82
N ILE A 245 -17.74 -2.28 13.13
CA ILE A 245 -17.26 -3.51 13.76
C ILE A 245 -18.18 -4.70 13.41
N GLU A 246 -19.47 -4.48 13.59
CA GLU A 246 -20.47 -5.45 13.24
C GLU A 246 -20.43 -5.87 11.77
N ALA A 247 -20.37 -4.87 10.91
CA ALA A 247 -20.28 -5.13 9.48
C ALA A 247 -19.07 -6.03 9.16
N LEU A 248 -17.92 -5.75 9.77
CA LEU A 248 -16.72 -6.54 9.53
C LEU A 248 -16.91 -7.92 10.09
N GLU A 249 -17.43 -7.97 11.32
CA GLU A 249 -17.68 -9.27 11.98
C GLU A 249 -18.64 -10.12 11.16
N LYS A 250 -19.62 -9.50 10.53
CA LYS A 250 -20.55 -10.25 9.70
C LYS A 250 -20.07 -10.42 8.26
N HIS A 251 -18.92 -9.84 7.91
CA HIS A 251 -18.36 -9.97 6.55
C HIS A 251 -19.32 -9.30 5.57
N GLU A 252 -19.92 -8.22 6.02
CA GLU A 252 -20.76 -7.40 5.13
C GLU A 252 -19.89 -6.36 4.44
N ILE A 253 -18.66 -6.20 4.92
CA ILE A 253 -17.57 -5.54 4.14
C ILE A 253 -16.32 -6.39 4.32
N ALA A 254 -15.33 -6.19 3.46
CA ALA A 254 -14.15 -7.05 3.47
C ALA A 254 -12.99 -6.53 4.37
N ALA A 255 -12.96 -5.21 4.62
CA ALA A 255 -11.83 -4.56 5.22
C ALA A 255 -12.07 -3.09 5.49
N ALA A 256 -11.23 -2.51 6.35
CA ALA A 256 -11.33 -1.11 6.69
C ALA A 256 -9.98 -0.59 7.03
N GLY A 257 -9.68 0.63 6.58
CA GLY A 257 -8.46 1.35 6.93
C GLY A 257 -8.83 2.70 7.55
N LEU A 258 -8.50 2.88 8.83
CA LEU A 258 -8.95 4.04 9.57
C LEU A 258 -7.75 4.77 10.04
N ASP A 259 -7.65 6.06 9.72
CA ASP A 259 -6.57 6.89 10.32
C ASP A 259 -7.14 7.71 11.46
N THR A 260 -8.45 7.58 11.69
CA THR A 260 -9.19 8.38 12.62
C THR A 260 -10.41 7.58 13.04
N LEU A 261 -10.85 7.75 14.31
CA LEU A 261 -11.92 6.96 14.94
C LEU A 261 -12.68 7.87 15.89
N ALA A 262 -13.97 7.68 16.00
CA ALA A 262 -14.77 8.37 17.02
C ALA A 262 -14.17 8.15 18.41
N HIS A 263 -14.09 9.22 19.19
CA HIS A 263 -13.51 9.17 20.55
C HIS A 263 -12.02 9.00 20.60
N GLU A 264 -11.35 9.19 19.46
CA GLU A 264 -9.89 8.98 19.41
C GLU A 264 -9.16 9.91 20.35
N SER A 265 -9.82 10.99 20.70
CA SER A 265 -9.19 12.01 21.52
C SER A 265 -8.71 11.50 22.88
N SER A 266 -9.34 10.46 23.38
CA SER A 266 -8.93 9.90 24.62
C SER A 266 -7.51 9.31 24.57
N TYR A 267 -7.16 8.69 23.44
CA TYR A 267 -5.86 8.04 23.34
C TYR A 267 -4.91 8.41 22.19
N PHE A 268 -5.42 8.95 21.09
CA PHE A 268 -4.55 9.33 19.99
C PHE A 268 -3.62 10.46 20.42
N PHE A 269 -2.36 10.39 20.01
CA PHE A 269 -1.36 11.38 20.38
C PHE A 269 -0.85 11.28 21.83
N LYS A 270 -1.13 10.18 22.53
CA LYS A 270 -0.72 10.00 23.95
C LYS A 270 -0.03 8.70 24.10
N LYS A 271 0.69 8.51 25.23
CA LYS A 271 1.05 7.15 25.66
C LYS A 271 0.15 6.78 26.81
N VAL A 272 -0.42 5.60 26.74
CA VAL A 272 -1.36 5.18 27.73
C VAL A 272 -1.21 3.72 28.05
N ASP A 273 -1.88 3.31 29.12
CA ASP A 273 -1.93 1.92 29.56
C ASP A 273 -3.07 1.19 28.90
N ASP A 274 -3.00 -0.13 28.93
CA ASP A 274 -4.03 -0.96 28.32
C ASP A 274 -5.45 -0.68 28.78
N ALA A 275 -5.58 -0.34 30.05
CA ALA A 275 -6.85 -0.05 30.62
C ALA A 275 -7.37 1.28 30.08
N GLN A 276 -6.51 2.12 29.54
CA GLN A 276 -7.01 3.40 29.01
C GLN A 276 -7.45 3.35 27.56
N ILE A 277 -7.28 2.22 26.90
CA ILE A 277 -7.56 2.15 25.47
C ILE A 277 -8.94 1.59 25.32
N PRO A 278 -9.82 2.24 24.52
CA PRO A 278 -11.18 1.70 24.44
C PRO A 278 -11.32 0.34 23.71
N ALA A 279 -12.42 -0.33 24.02
CA ALA A 279 -12.69 -1.67 23.55
C ALA A 279 -12.91 -1.74 22.04
N ASP A 280 -13.57 -0.73 21.48
CA ASP A 280 -13.79 -0.69 20.06
C ASP A 280 -12.44 -0.63 19.32
N TYR A 281 -11.50 0.18 19.78
CA TYR A 281 -10.16 0.11 19.19
C TYR A 281 -9.58 -1.30 19.29
N LYS A 282 -9.61 -1.89 20.49
CA LYS A 282 -9.02 -3.22 20.70
C LYS A 282 -9.63 -4.29 19.77
N LYS A 283 -10.94 -4.21 19.55
CA LYS A 283 -11.56 -5.08 18.57
C LYS A 283 -10.96 -4.85 17.19
N LEU A 284 -10.81 -3.59 16.79
CA LEU A 284 -10.38 -3.29 15.40
C LEU A 284 -8.94 -3.76 15.15
N ALA A 285 -8.10 -3.49 16.13
CA ALA A 285 -6.68 -3.76 16.10
C ALA A 285 -6.42 -5.24 16.03
N ALA A 286 -7.37 -6.04 16.48
CA ALA A 286 -7.23 -7.51 16.46
C ALA A 286 -7.62 -8.13 15.13
N MET A 287 -8.27 -7.35 14.26
CA MET A 287 -8.75 -7.87 12.98
C MET A 287 -7.64 -7.79 11.91
N PRO A 288 -7.30 -8.92 11.26
CA PRO A 288 -6.21 -8.84 10.30
C PRO A 288 -6.59 -8.23 8.98
N ASN A 289 -7.88 -7.89 8.79
CA ASN A 289 -8.36 -7.15 7.61
C ASN A 289 -8.68 -5.70 7.91
N VAL A 290 -8.15 -5.20 9.02
CA VAL A 290 -8.26 -3.79 9.38
C VAL A 290 -6.88 -3.14 9.55
N ILE A 291 -6.73 -1.88 9.17
CA ILE A 291 -5.59 -1.10 9.58
C ILE A 291 -6.09 0.04 10.44
N VAL A 292 -5.42 0.32 11.56
CA VAL A 292 -5.64 1.60 12.24
C VAL A 292 -4.33 2.27 12.46
N THR A 293 -4.26 3.57 12.10
CA THR A 293 -3.14 4.42 12.33
C THR A 293 -3.59 5.59 13.18
N PRO A 294 -2.68 6.18 13.95
CA PRO A 294 -3.01 7.24 14.88
C PRO A 294 -3.05 8.60 14.28
N HIS A 295 -4.02 8.84 13.39
CA HIS A 295 -4.19 10.12 12.73
C HIS A 295 -2.84 10.62 12.20
N SER A 296 -2.10 9.75 11.53
CA SER A 296 -0.85 10.14 11.00
C SER A 296 -0.87 10.27 9.46
N ALA A 297 -2.04 10.31 8.82
CA ALA A 297 -2.02 10.45 7.32
C ALA A 297 -1.21 11.71 6.94
N TYR A 298 -1.32 12.76 7.73
CA TYR A 298 -0.62 14.01 7.43
C TYR A 298 0.90 13.95 7.63
N PHE A 299 1.43 12.91 8.28
CA PHE A 299 2.73 13.06 8.94
C PHE A 299 3.87 12.72 7.96
N THR A 300 4.13 13.65 7.02
CA THR A 300 5.31 13.61 6.15
C THR A 300 6.16 14.85 6.39
N LYS A 301 7.38 14.84 5.86
CA LYS A 301 8.30 15.96 5.96
C LYS A 301 7.70 17.20 5.30
N THR A 302 7.05 17.02 4.16
CA THR A 302 6.41 18.12 3.53
C THR A 302 5.37 18.74 4.47
N SER A 303 4.58 17.94 5.19
CA SER A 303 3.48 18.56 5.90
C SER A 303 4.06 19.39 7.00
N VAL A 304 4.97 18.76 7.73
CA VAL A 304 5.50 19.38 8.94
C VAL A 304 6.20 20.69 8.54
N ARG A 305 6.95 20.67 7.44
CA ARG A 305 7.56 21.88 6.97
C ARG A 305 6.53 22.96 6.55
N ASN A 306 5.49 22.56 5.80
CA ASN A 306 4.48 23.49 5.34
C ASN A 306 3.74 24.11 6.47
N MET A 307 3.48 23.35 7.52
CA MET A 307 2.81 23.90 8.67
C MET A 307 3.59 25.06 9.29
N ILE A 308 4.91 24.94 9.31
CA ILE A 308 5.77 26.02 9.78
C ILE A 308 5.88 27.11 8.73
N GLU A 309 6.26 26.76 7.50
CA GLU A 309 6.61 27.79 6.55
C GLU A 309 5.43 28.59 5.98
N ILE A 310 4.25 27.95 5.88
CA ILE A 310 3.07 28.68 5.43
C ILE A 310 2.54 29.68 6.48
N SER A 311 2.43 29.26 7.74
CA SER A 311 2.08 30.19 8.80
C SER A 311 3.14 31.34 8.95
N LEU A 312 4.41 30.95 9.05
CA LEU A 312 5.54 31.89 9.17
C LEU A 312 5.41 33.00 8.11
N ARG A 313 5.21 32.58 6.86
CA ARG A 313 5.09 33.46 5.71
C ARG A 313 3.91 34.43 5.83
N ASP A 314 2.70 33.94 6.14
CA ASP A 314 1.58 34.87 6.41
C ASP A 314 1.88 35.73 7.61
N THR A 315 2.57 35.16 8.61
CA THR A 315 2.81 35.87 9.87
C THR A 315 3.77 37.03 9.66
N ILE A 316 4.87 36.79 8.95
CA ILE A 316 5.81 37.85 8.52
C ILE A 316 5.11 38.94 7.68
N ALA A 317 4.22 38.52 6.77
CA ALA A 317 3.57 39.46 5.86
C ALA A 317 2.73 40.48 6.64
N LEU A 318 1.94 39.98 7.58
CA LEU A 318 1.01 40.80 8.39
C LEU A 318 1.77 41.70 9.36
N ALA A 319 2.89 41.20 9.86
CA ALA A 319 3.87 42.03 10.55
C ALA A 319 4.39 43.17 9.65
N ASN A 320 4.56 42.90 8.36
CA ASN A 320 4.87 43.95 7.35
C ASN A 320 3.65 44.71 6.78
N GLY A 321 2.47 44.52 7.36
CA GLY A 321 1.26 45.09 6.81
C GLY A 321 0.92 44.59 5.41
N GLU A 322 1.62 43.56 4.92
CA GLU A 322 1.28 42.92 3.65
C GLU A 322 0.15 41.88 3.81
N ARG A 323 -0.33 41.33 2.69
CA ARG A 323 -1.44 40.37 2.71
C ARG A 323 -1.04 38.94 3.12
N ALA A 324 -1.92 38.29 3.89
CA ALA A 324 -1.83 36.88 4.26
C ALA A 324 -2.73 36.07 3.32
N HIS A 325 -2.35 34.83 3.03
CA HIS A 325 -3.12 34.00 2.11
C HIS A 325 -4.29 33.30 2.82
N PHE A 326 -4.15 33.12 4.14
CA PHE A 326 -5.03 32.25 4.91
C PHE A 326 -5.48 32.88 6.23
N VAL A 327 -5.94 34.12 6.13
CA VAL A 327 -6.79 34.76 7.17
C VAL A 327 -8.09 33.99 7.42
N VAL A 328 -8.57 33.96 8.66
CA VAL A 328 -9.72 33.12 8.98
C VAL A 328 -10.88 33.84 9.74
N SER A 329 -12.11 33.44 9.38
CA SER A 329 -13.33 33.67 10.18
C SER A 329 -13.70 32.41 10.97
N MET B 1 -14.51 -32.18 -27.15
CA MET B 1 -13.31 -31.51 -26.59
C MET B 1 -13.43 -31.56 -25.07
N LYS B 2 -12.85 -32.63 -24.48
CA LYS B 2 -12.72 -32.78 -23.03
C LYS B 2 -11.24 -32.74 -22.58
N ILE B 3 -10.91 -31.72 -21.80
CA ILE B 3 -9.55 -31.52 -21.32
C ILE B 3 -9.41 -31.86 -19.83
N ALA B 4 -8.48 -32.74 -19.49
CA ALA B 4 -8.21 -33.05 -18.12
C ALA B 4 -7.47 -31.90 -17.49
N VAL B 5 -7.90 -31.54 -16.28
CA VAL B 5 -7.22 -30.54 -15.45
C VAL B 5 -6.72 -31.10 -14.12
N PHE B 6 -5.39 -31.25 -14.02
CA PHE B 6 -4.77 -31.81 -12.83
C PHE B 6 -4.39 -30.73 -11.85
N SER B 7 -4.63 -31.04 -10.58
CA SER B 7 -4.17 -30.25 -9.47
C SER B 7 -4.81 -28.89 -9.56
N PRO B 8 -6.12 -28.84 -9.75
CA PRO B 8 -6.81 -27.57 -9.75
C PRO B 8 -6.77 -26.96 -8.39
N SER B 9 -6.75 -25.63 -8.34
CA SER B 9 -6.81 -24.92 -7.08
C SER B 9 -8.23 -24.59 -6.91
N GLU B 10 -8.56 -24.29 -5.67
CA GLU B 10 -9.84 -23.75 -5.32
C GLU B 10 -10.27 -22.60 -6.25
N SER B 11 -9.30 -21.74 -6.64
CA SER B 11 -9.67 -20.56 -7.46
C SER B 11 -9.95 -20.97 -8.89
N GLU B 12 -9.20 -21.96 -9.38
CA GLU B 12 -9.41 -22.43 -10.71
C GLU B 12 -10.80 -23.10 -10.80
N ARG B 13 -11.19 -23.86 -9.77
CA ARG B 13 -12.55 -24.45 -9.78
C ARG B 13 -13.64 -23.44 -9.97
N LYS B 14 -13.52 -22.25 -9.39
CA LYS B 14 -14.58 -21.28 -9.53
C LYS B 14 -14.80 -20.84 -10.98
N LEU B 15 -13.83 -21.11 -11.83
CA LEU B 15 -13.83 -20.65 -13.24
C LEU B 15 -14.31 -21.66 -14.24
N VAL B 16 -14.37 -22.92 -13.86
CA VAL B 16 -14.65 -24.01 -14.81
C VAL B 16 -15.84 -23.70 -15.74
N ALA B 17 -16.96 -23.27 -15.16
CA ALA B 17 -18.19 -23.10 -15.94
C ALA B 17 -17.97 -22.04 -17.00
N ALA B 18 -17.42 -20.93 -16.57
CA ALA B 18 -17.23 -19.81 -17.47
C ALA B 18 -16.31 -20.26 -18.58
N THR B 19 -15.18 -20.84 -18.17
CA THR B 19 -14.18 -21.34 -19.07
C THR B 19 -14.80 -22.33 -20.10
N GLU B 20 -15.60 -23.29 -19.64
CA GLU B 20 -16.19 -24.29 -20.53
C GLU B 20 -17.01 -23.62 -21.64
N LYS B 21 -17.82 -22.64 -21.23
CA LYS B 21 -18.67 -21.90 -22.18
C LYS B 21 -17.82 -21.16 -23.21
N LYS B 22 -16.90 -20.34 -22.71
CA LYS B 22 -16.07 -19.55 -23.58
C LYS B 22 -15.28 -20.38 -24.59
N PHE B 23 -14.91 -21.62 -24.25
CA PHE B 23 -14.08 -22.44 -25.13
C PHE B 23 -14.85 -23.58 -25.74
N GLY B 24 -16.11 -23.79 -25.39
CA GLY B 24 -16.87 -24.90 -25.97
C GLY B 24 -16.24 -26.25 -25.73
N CYS B 25 -15.86 -26.50 -24.48
CA CYS B 25 -15.23 -27.74 -24.11
C CYS B 25 -15.62 -28.10 -22.71
N GLU B 26 -15.31 -29.33 -22.35
CA GLU B 26 -15.55 -29.82 -21.02
C GLU B 26 -14.23 -29.93 -20.32
N LEU B 27 -14.20 -29.54 -19.04
CA LEU B 27 -13.00 -29.71 -18.20
C LEU B 27 -13.22 -30.82 -17.24
N LYS B 28 -12.30 -31.78 -17.20
CA LYS B 28 -12.30 -32.87 -16.25
C LYS B 28 -11.22 -32.61 -15.19
N LEU B 29 -11.67 -32.09 -14.06
CA LEU B 29 -10.81 -31.72 -12.96
C LEU B 29 -10.44 -32.95 -12.17
N ILE B 30 -9.16 -33.16 -11.95
CA ILE B 30 -8.70 -34.24 -11.12
C ILE B 30 -7.86 -33.69 -9.98
N ASP B 31 -8.28 -34.06 -8.76
CA ASP B 31 -7.69 -33.54 -7.50
C ASP B 31 -6.16 -33.61 -7.34
N GLU B 32 -5.49 -34.70 -7.67
CA GLU B 32 -4.04 -34.72 -7.55
C GLU B 32 -3.44 -34.31 -8.85
N SER B 33 -2.13 -34.13 -8.88
CA SER B 33 -1.46 -33.85 -10.13
C SER B 33 -1.15 -35.16 -10.84
N LEU B 34 -0.63 -35.03 -12.06
CA LEU B 34 -0.53 -36.17 -12.95
C LEU B 34 0.58 -37.10 -12.52
N SER B 35 0.23 -38.35 -12.26
CA SER B 35 1.26 -39.37 -12.01
C SER B 35 1.08 -40.63 -12.85
N ALA B 36 1.91 -41.63 -12.60
CA ALA B 36 1.62 -42.99 -13.06
C ALA B 36 0.31 -43.46 -12.47
N GLU B 37 -0.01 -43.01 -11.27
CA GLU B 37 -1.15 -43.54 -10.51
C GLU B 37 -2.51 -43.09 -11.05
N ASN B 38 -2.57 -42.02 -11.83
CA ASN B 38 -3.88 -41.51 -12.26
C ASN B 38 -3.98 -41.07 -13.73
N VAL B 39 -2.89 -41.22 -14.47
CA VAL B 39 -2.87 -40.94 -15.92
C VAL B 39 -3.91 -41.71 -16.72
N ASP B 40 -4.32 -42.87 -16.20
CA ASP B 40 -5.37 -43.66 -16.80
C ASP B 40 -6.64 -42.87 -16.92
N GLN B 41 -6.67 -41.67 -16.34
CA GLN B 41 -7.87 -40.84 -16.38
C GLN B 41 -7.96 -39.81 -17.51
N VAL B 42 -6.96 -39.73 -18.37
CA VAL B 42 -7.07 -38.87 -19.56
C VAL B 42 -7.69 -39.63 -20.76
N ALA B 43 -8.00 -40.92 -20.57
CA ALA B 43 -8.51 -41.78 -21.64
C ALA B 43 -9.66 -41.12 -22.41
N ASP B 44 -10.69 -40.72 -21.68
CA ASP B 44 -11.78 -40.00 -22.31
C ASP B 44 -11.44 -38.53 -22.60
N CYS B 45 -10.15 -38.16 -22.68
CA CYS B 45 -9.78 -36.76 -22.84
C CYS B 45 -8.84 -36.54 -24.02
N ASP B 46 -8.91 -35.32 -24.55
CA ASP B 46 -8.21 -34.88 -25.76
C ASP B 46 -6.95 -34.04 -25.48
N GLY B 47 -6.62 -33.82 -24.20
CA GLY B 47 -5.51 -32.94 -23.78
C GLY B 47 -5.39 -32.89 -22.26
N VAL B 48 -4.30 -32.34 -21.77
CA VAL B 48 -4.06 -32.25 -20.33
C VAL B 48 -3.46 -30.90 -19.93
N LEU B 49 -4.06 -30.27 -18.91
CA LEU B 49 -3.47 -29.13 -18.22
C LEU B 49 -2.85 -29.54 -16.86
N LEU B 50 -1.60 -29.16 -16.66
CA LEU B 50 -0.82 -29.59 -15.51
C LEU B 50 -0.31 -28.45 -14.63
N LYS B 51 -0.24 -28.72 -13.34
CA LYS B 51 0.34 -27.84 -12.35
C LYS B 51 1.22 -28.69 -11.45
N PRO B 52 2.45 -29.09 -12.02
CA PRO B 52 3.08 -30.19 -11.28
C PRO B 52 3.77 -29.82 -9.96
N LEU B 53 3.36 -30.50 -8.89
CA LEU B 53 3.97 -30.31 -7.60
C LEU B 53 5.42 -30.71 -7.67
N GLY B 54 5.65 -31.85 -8.29
CA GLY B 54 6.92 -32.55 -8.25
C GLY B 54 7.29 -32.99 -9.64
N ASN B 55 8.52 -33.43 -9.82
CA ASN B 55 9.00 -33.79 -11.13
C ASN B 55 8.17 -34.91 -11.79
N LEU B 56 7.93 -34.74 -13.07
CA LEU B 56 7.33 -35.77 -13.92
C LEU B 56 8.47 -36.54 -14.56
N ASP B 57 8.85 -37.62 -13.88
CA ASP B 57 10.16 -38.27 -14.05
C ASP B 57 10.07 -39.73 -14.54
N ASP B 58 8.92 -40.37 -14.41
CA ASP B 58 8.77 -41.81 -14.70
C ASP B 58 7.94 -42.06 -15.97
N GLU B 59 8.53 -42.82 -16.90
CA GLU B 59 8.11 -42.87 -18.31
C GLU B 59 6.75 -43.50 -18.59
N ILE B 60 6.27 -44.36 -17.70
CA ILE B 60 4.93 -44.93 -17.88
C ILE B 60 3.88 -43.84 -18.08
N VAL B 61 4.11 -42.65 -17.56
CA VAL B 61 3.22 -41.51 -17.78
C VAL B 61 3.33 -40.99 -19.22
N TYR B 62 4.55 -40.69 -19.65
CA TYR B 62 4.76 -40.08 -20.97
C TYR B 62 4.33 -41.02 -22.08
N LYS B 63 4.54 -42.32 -21.89
CA LYS B 63 4.17 -43.28 -22.90
C LYS B 63 2.66 -43.35 -22.94
N LYS B 64 2.04 -43.65 -21.80
CA LYS B 64 0.58 -43.84 -21.76
C LYS B 64 -0.23 -42.62 -22.25
N LEU B 65 0.40 -41.45 -22.25
CA LEU B 65 -0.22 -40.23 -22.78
C LEU B 65 -0.36 -40.34 -24.30
N ALA B 66 0.75 -40.66 -24.96
CA ALA B 66 0.76 -40.90 -26.41
C ALA B 66 -0.20 -42.04 -26.81
N ASP B 67 -0.24 -43.13 -26.04
CA ASP B 67 -1.19 -44.22 -26.30
C ASP B 67 -2.62 -43.72 -26.49
N TYR B 68 -2.97 -42.64 -25.77
CA TYR B 68 -4.32 -42.09 -25.82
C TYR B 68 -4.51 -40.93 -26.81
N GLY B 69 -3.52 -40.69 -27.65
CA GLY B 69 -3.58 -39.62 -28.65
C GLY B 69 -3.20 -38.23 -28.18
N ILE B 70 -2.66 -38.14 -26.96
CA ILE B 70 -2.31 -36.86 -26.38
C ILE B 70 -1.03 -36.37 -27.05
N LYS B 71 -1.03 -35.11 -27.47
CA LYS B 71 0.05 -34.56 -28.27
C LYS B 71 0.84 -33.47 -27.57
N SER B 72 0.38 -33.02 -26.41
CA SER B 72 0.88 -31.78 -25.81
C SER B 72 0.90 -31.95 -24.30
N ILE B 73 1.76 -31.19 -23.66
CA ILE B 73 1.75 -31.05 -22.19
C ILE B 73 1.54 -29.55 -21.94
N GLY B 74 0.33 -29.21 -21.46
CA GLY B 74 -0.05 -27.82 -21.19
C GLY B 74 0.16 -27.46 -19.73
N LEU B 75 1.32 -26.88 -19.48
CA LEU B 75 1.66 -26.39 -18.16
C LEU B 75 0.88 -25.09 -17.96
N ARG B 76 0.28 -24.94 -16.77
CA ARG B 76 -0.43 -23.69 -16.41
C ARG B 76 0.48 -22.69 -15.67
N ILE B 77 1.77 -22.95 -15.76
CA ILE B 77 2.77 -22.13 -15.14
C ILE B 77 3.89 -21.80 -16.13
N VAL B 78 4.68 -20.83 -15.74
CA VAL B 78 5.96 -20.60 -16.39
C VAL B 78 6.96 -21.76 -16.21
N GLY B 79 6.98 -22.34 -15.00
CA GLY B 79 7.97 -23.35 -14.59
C GLY B 79 7.98 -24.60 -15.44
N THR B 80 9.14 -24.88 -16.01
CA THR B 80 9.40 -25.92 -17.01
C THR B 80 10.19 -27.12 -16.46
N ASN B 81 10.89 -26.90 -15.35
CA ASN B 81 11.89 -27.83 -14.84
C ASN B 81 11.35 -29.16 -14.38
N THR B 82 10.04 -29.21 -14.19
CA THR B 82 9.36 -30.44 -13.75
C THR B 82 9.12 -31.41 -14.92
N ILE B 83 9.44 -31.00 -16.15
CA ILE B 83 9.22 -31.87 -17.32
C ILE B 83 10.51 -32.39 -17.94
N ASP B 84 10.61 -33.71 -18.02
CA ASP B 84 11.76 -34.36 -18.63
C ASP B 84 11.55 -34.29 -20.13
N PHE B 85 12.26 -33.37 -20.75
CA PHE B 85 12.12 -33.11 -22.17
C PHE B 85 12.54 -34.30 -22.99
N ASP B 86 13.48 -35.08 -22.48
CA ASP B 86 14.00 -36.19 -23.24
C ASP B 86 12.83 -37.09 -23.54
N LEU B 87 12.01 -37.37 -22.54
CA LEU B 87 10.83 -38.20 -22.76
C LEU B 87 9.80 -37.55 -23.68
N ALA B 88 9.58 -36.25 -23.51
CA ALA B 88 8.54 -35.57 -24.25
C ALA B 88 8.88 -35.62 -25.72
N LYS B 89 10.16 -35.42 -26.03
CA LYS B 89 10.62 -35.49 -27.39
C LYS B 89 10.37 -36.89 -27.89
N LYS B 90 10.54 -37.84 -26.98
CA LYS B 90 10.45 -39.24 -27.32
C LYS B 90 9.03 -39.66 -27.65
N TYR B 91 8.04 -38.82 -27.41
CA TYR B 91 6.67 -39.19 -27.72
C TYR B 91 5.96 -38.05 -28.44
N HIS B 92 6.73 -37.29 -29.23
CA HIS B 92 6.21 -36.09 -29.90
C HIS B 92 5.18 -35.40 -29.04
N LEU B 93 5.44 -35.31 -27.74
CA LEU B 93 4.60 -34.53 -26.83
C LEU B 93 5.21 -33.17 -26.71
N THR B 94 4.64 -32.19 -27.42
CA THR B 94 5.01 -30.79 -27.19
C THR B 94 4.81 -30.40 -25.71
N VAL B 95 5.56 -29.38 -25.25
CA VAL B 95 5.31 -28.72 -23.96
C VAL B 95 4.91 -27.27 -24.22
N THR B 96 3.79 -26.86 -23.63
CA THR B 96 3.43 -25.44 -23.62
C THR B 96 3.60 -24.94 -22.18
N ASN B 97 3.53 -23.64 -21.99
CA ASN B 97 3.67 -23.10 -20.67
C ASN B 97 3.00 -21.77 -20.67
N VAL B 98 2.91 -21.17 -19.49
CA VAL B 98 2.29 -19.85 -19.32
C VAL B 98 3.36 -18.91 -18.77
N PRO B 99 4.04 -18.25 -19.68
CA PRO B 99 5.10 -17.29 -19.35
C PRO B 99 4.65 -16.02 -18.66
N VAL B 100 3.54 -15.44 -19.06
CA VAL B 100 3.09 -14.22 -18.41
C VAL B 100 1.68 -14.36 -17.83
N TYR B 101 1.56 -14.20 -16.52
CA TYR B 101 0.29 -14.37 -15.86
C TYR B 101 -0.47 -13.05 -15.83
N SER B 102 0.05 -12.11 -15.07
CA SER B 102 -0.36 -10.72 -15.09
C SER B 102 0.78 -9.93 -14.53
N PRO B 103 1.52 -9.17 -15.33
CA PRO B 103 2.63 -8.47 -14.70
C PRO B 103 2.16 -7.42 -13.68
N ARG B 104 1.03 -6.80 -13.91
CA ARG B 104 0.53 -5.84 -12.92
C ARG B 104 0.20 -6.47 -11.54
N ALA B 105 -0.14 -7.74 -11.54
CA ALA B 105 -0.46 -8.39 -10.30
C ALA B 105 0.74 -8.34 -9.40
N ILE B 106 1.91 -8.64 -9.94
CA ILE B 106 3.12 -8.67 -9.17
C ILE B 106 3.66 -7.24 -8.93
N ALA B 107 3.57 -6.40 -9.96
CA ALA B 107 3.97 -5.01 -9.85
C ALA B 107 3.19 -4.31 -8.73
N GLU B 108 1.88 -4.51 -8.70
CA GLU B 108 1.01 -3.93 -7.70
C GLU B 108 1.29 -4.43 -6.27
N MET B 109 1.68 -5.68 -6.13
CA MET B 109 2.03 -6.18 -4.78
C MET B 109 3.31 -5.49 -4.34
N ALA B 110 4.30 -5.40 -5.24
CA ALA B 110 5.56 -4.68 -4.92
C ALA B 110 5.33 -3.19 -4.48
N VAL B 111 4.57 -2.46 -5.27
CA VAL B 111 4.21 -1.09 -4.98
C VAL B 111 3.46 -1.03 -3.64
N THR B 112 2.51 -1.97 -3.44
CA THR B 112 1.73 -1.95 -2.21
C THR B 112 2.64 -2.15 -0.99
N GLN B 113 3.51 -3.13 -1.07
CA GLN B 113 4.39 -3.35 0.06
C GLN B 113 5.31 -2.16 0.29
N ALA B 114 5.79 -1.60 -0.80
CA ALA B 114 6.64 -0.42 -0.66
C ALA B 114 5.95 0.75 0.03
N MET B 115 4.69 1.00 -0.33
CA MET B 115 3.93 2.10 0.21
C MET B 115 3.67 1.89 1.68
N TYR B 116 3.15 0.73 2.03
CA TYR B 116 2.88 0.46 3.45
C TYR B 116 4.18 0.69 4.29
N LEU B 117 5.30 0.17 3.82
CA LEU B 117 6.57 0.29 4.53
C LEU B 117 7.08 1.72 4.55
N ASN B 118 6.84 2.46 3.46
CA ASN B 118 7.13 3.89 3.45
C ASN B 118 6.34 4.65 4.55
N ARG B 119 5.05 4.35 4.67
CA ARG B 119 4.22 5.01 5.65
C ARG B 119 4.40 4.44 7.06
N LYS B 120 5.16 3.33 7.18
CA LYS B 120 5.56 2.74 8.49
C LYS B 120 4.41 2.30 9.32
N ILE B 121 3.44 1.75 8.64
CA ILE B 121 2.17 1.51 9.28
C ILE B 121 2.38 0.43 10.30
N GLY B 122 3.27 -0.52 10.00
CA GLY B 122 3.59 -1.62 10.89
C GLY B 122 4.30 -1.17 12.13
N GLU B 123 5.17 -0.17 11.95
CA GLU B 123 5.88 0.39 13.06
C GLU B 123 4.94 1.19 13.90
N PHE B 124 3.97 1.84 13.27
CA PHE B 124 2.95 2.51 14.07
C PHE B 124 2.15 1.51 14.88
N LYS B 125 1.77 0.39 14.25
CA LYS B 125 0.98 -0.64 14.92
C LYS B 125 1.76 -1.20 16.15
N ALA B 126 3.05 -1.45 15.97
CA ALA B 126 3.90 -2.00 17.08
C ALA B 126 4.02 -1.01 18.27
N ASN B 127 4.17 0.27 17.94
CA ASN B 127 4.02 1.36 18.90
C ASN B 127 2.68 1.32 19.63
N MET B 128 1.61 1.13 18.88
CA MET B 128 0.26 1.28 19.41
C MET B 128 -0.07 0.12 20.31
N ASP B 129 0.39 -1.04 19.94
CA ASP B 129 0.25 -2.27 20.73
C ASP B 129 0.88 -2.09 22.13
N LYS B 130 1.88 -1.22 22.27
CA LYS B 130 2.45 -0.90 23.59
C LYS B 130 1.83 0.31 24.22
N GLY B 131 0.79 0.84 23.59
CA GLY B 131 0.09 1.97 24.15
C GLY B 131 0.66 3.29 23.73
N ASP B 132 1.54 3.30 22.72
CA ASP B 132 2.11 4.56 22.24
C ASP B 132 1.40 5.01 20.94
N PHE B 133 0.58 6.07 21.04
CA PHE B 133 -0.25 6.59 19.93
C PHE B 133 0.26 7.95 19.45
N THR B 134 1.56 8.24 19.67
CA THR B 134 2.08 9.52 19.34
C THR B 134 2.62 9.47 17.87
N ASN B 135 3.16 10.59 17.44
CA ASN B 135 3.76 10.74 16.12
C ASN B 135 5.20 11.15 16.33
N PRO B 136 6.06 10.23 16.76
CA PRO B 136 7.47 10.53 16.94
C PRO B 136 8.16 10.73 15.59
N ASP B 137 9.19 11.55 15.58
CA ASP B 137 9.87 11.88 14.36
C ASP B 137 10.45 10.67 13.64
N SER B 138 10.79 9.60 14.39
CA SER B 138 11.34 8.40 13.80
C SER B 138 10.34 7.66 12.91
N LEU B 139 9.03 7.90 13.13
CA LEU B 139 7.97 7.40 12.24
C LEU B 139 7.46 8.40 11.18
N ILE B 140 8.16 9.53 10.99
CA ILE B 140 7.82 10.44 9.86
C ILE B 140 8.03 9.79 8.50
N SER B 141 7.17 10.16 7.57
CA SER B 141 7.14 9.61 6.24
C SER B 141 7.36 10.70 5.19
N ASN B 142 7.10 10.37 3.94
CA ASN B 142 7.16 11.34 2.87
C ASN B 142 6.28 10.91 1.70
N GLU B 143 5.93 11.87 0.86
CA GLU B 143 5.11 11.59 -0.32
C GLU B 143 5.94 10.83 -1.32
N ILE B 144 5.28 10.02 -2.12
CA ILE B 144 5.98 9.15 -3.02
C ILE B 144 6.73 9.92 -4.10
N TYR B 145 6.21 11.10 -4.42
CA TYR B 145 6.85 11.90 -5.45
C TYR B 145 8.12 12.55 -4.96
N ASN B 146 8.53 12.33 -3.71
CA ASN B 146 9.80 12.85 -3.22
C ASN B 146 10.74 11.72 -3.11
N LYS B 147 10.37 10.56 -3.62
CA LYS B 147 11.23 9.42 -3.58
C LYS B 147 11.84 9.05 -4.92
N THR B 148 13.01 8.44 -4.85
CA THR B 148 13.58 7.80 -6.01
C THR B 148 13.39 6.32 -5.87
N ILE B 149 12.89 5.71 -6.92
CA ILE B 149 12.78 4.24 -7.00
C ILE B 149 13.96 3.69 -7.83
N GLY B 150 14.50 2.55 -7.40
CA GLY B 150 15.51 1.87 -8.21
C GLY B 150 15.19 0.44 -8.52
N LEU B 151 15.25 0.11 -9.80
CA LEU B 151 14.88 -1.22 -10.24
C LEU B 151 16.13 -1.98 -10.66
N ILE B 152 16.32 -3.17 -10.15
CA ILE B 152 17.42 -4.01 -10.56
C ILE B 152 16.85 -5.04 -11.49
N GLY B 153 17.03 -4.82 -12.76
CA GLY B 153 16.35 -5.59 -13.77
C GLY B 153 15.03 -4.91 -14.07
N VAL B 154 14.47 -5.17 -15.23
CA VAL B 154 13.22 -4.54 -15.59
C VAL B 154 12.15 -5.53 -15.99
N GLY B 155 12.14 -5.92 -17.26
CA GLY B 155 11.19 -6.91 -17.73
C GLY B 155 9.79 -6.37 -17.78
N HIS B 156 8.83 -7.24 -17.98
CA HIS B 156 7.44 -6.86 -17.93
C HIS B 156 7.00 -6.38 -16.55
N ILE B 157 7.42 -7.07 -15.51
CA ILE B 157 7.05 -6.70 -14.16
C ILE B 157 7.66 -5.39 -13.65
N GLY B 158 8.95 -5.20 -13.88
CA GLY B 158 9.63 -3.94 -13.51
C GLY B 158 9.08 -2.75 -14.28
N SER B 159 8.78 -2.99 -15.53
CA SER B 159 8.26 -1.95 -16.36
C SER B 159 6.92 -1.47 -15.80
N ALA B 160 6.12 -2.40 -15.28
CA ALA B 160 4.85 -2.04 -14.67
C ALA B 160 5.03 -1.32 -13.33
N VAL B 161 6.01 -1.75 -12.54
CA VAL B 161 6.41 -1.00 -11.35
C VAL B 161 6.80 0.47 -11.70
N ALA B 162 7.66 0.64 -12.70
CA ALA B 162 8.08 1.96 -13.10
C ALA B 162 6.91 2.78 -13.57
N GLN B 163 6.04 2.19 -14.38
CA GLN B 163 4.85 2.92 -14.81
C GLN B 163 4.05 3.45 -13.61
N ILE B 164 3.85 2.61 -12.61
CA ILE B 164 2.98 3.01 -11.51
C ILE B 164 3.61 4.11 -10.72
N PHE B 165 4.87 3.94 -10.40
CA PHE B 165 5.51 4.87 -9.50
C PHE B 165 5.70 6.20 -10.19
N SER B 166 6.00 6.14 -11.47
CA SER B 166 6.31 7.36 -12.16
C SER B 166 5.06 8.14 -12.40
N ALA B 167 3.94 7.45 -12.54
CA ALA B 167 2.64 8.06 -12.57
C ALA B 167 2.20 8.67 -11.19
N MET B 168 2.69 8.16 -10.08
CA MET B 168 2.51 8.93 -8.83
C MET B 168 3.53 10.08 -8.67
N GLY B 169 4.44 10.22 -9.64
CA GLY B 169 5.38 11.36 -9.59
C GLY B 169 6.78 11.01 -9.07
N ALA B 170 7.06 9.74 -8.78
CA ALA B 170 8.37 9.36 -8.29
C ALA B 170 9.37 9.34 -9.46
N LYS B 171 10.63 9.54 -9.15
CA LYS B 171 11.72 9.36 -10.10
C LYS B 171 12.13 7.88 -10.07
N VAL B 172 12.10 7.23 -11.21
CA VAL B 172 12.43 5.81 -11.30
C VAL B 172 13.72 5.65 -12.12
N LEU B 173 14.74 5.10 -11.48
CA LEU B 173 15.98 4.69 -12.14
C LEU B 173 15.99 3.16 -12.28
N ALA B 174 16.77 2.63 -13.21
CA ALA B 174 16.82 1.18 -13.43
C ALA B 174 18.17 0.76 -14.02
N TYR B 175 18.76 -0.30 -13.45
CA TYR B 175 19.85 -1.03 -14.05
C TYR B 175 19.30 -2.21 -14.79
N ASP B 176 19.75 -2.39 -16.03
CA ASP B 176 19.42 -3.57 -16.82
C ASP B 176 20.53 -3.88 -17.83
N VAL B 177 20.56 -5.10 -18.34
CA VAL B 177 21.59 -5.52 -19.30
C VAL B 177 21.06 -5.41 -20.71
N ILE B 178 19.75 -5.21 -20.87
CA ILE B 178 19.13 -5.04 -22.17
C ILE B 178 18.51 -3.64 -22.20
N TYR B 179 18.37 -3.06 -23.40
CA TYR B 179 17.79 -1.72 -23.55
C TYR B 179 16.46 -1.83 -24.23
N ASN B 180 15.41 -1.24 -23.65
CA ASN B 180 14.08 -1.29 -24.24
C ASN B 180 13.54 0.11 -24.40
N PRO B 181 13.46 0.59 -25.63
CA PRO B 181 12.95 1.96 -25.83
C PRO B 181 11.57 2.23 -25.21
N GLU B 182 10.73 1.21 -25.14
CA GLU B 182 9.35 1.40 -24.71
C GLU B 182 9.16 1.76 -23.22
N VAL B 183 10.14 1.52 -22.37
CA VAL B 183 10.05 1.91 -20.97
C VAL B 183 10.69 3.25 -20.62
N GLU B 184 11.25 3.93 -21.60
CA GLU B 184 11.86 5.23 -21.36
C GLU B 184 10.96 6.31 -20.83
N PRO B 185 9.67 6.29 -21.18
CA PRO B 185 8.81 7.30 -20.63
C PRO B 185 8.74 7.28 -19.16
N TYR B 186 9.14 6.15 -18.56
CA TYR B 186 8.84 5.84 -17.16
C TYR B 186 10.02 5.64 -16.27
N LEU B 187 11.22 5.65 -16.82
CA LEU B 187 12.40 5.41 -15.98
C LEU B 187 13.58 5.83 -16.78
N THR B 188 14.69 5.99 -16.07
CA THR B 188 15.96 6.39 -16.64
C THR B 188 16.94 5.30 -16.29
N TYR B 189 17.65 4.83 -17.31
CA TYR B 189 18.57 3.73 -17.12
C TYR B 189 19.82 4.27 -16.41
N ALA B 190 20.39 3.50 -15.51
CA ALA B 190 21.61 3.89 -14.83
C ALA B 190 22.33 2.64 -14.39
N ASP B 191 23.61 2.76 -14.12
CA ASP B 191 24.37 1.60 -13.69
C ASP B 191 24.06 1.19 -12.27
N PHE B 192 24.47 -0.02 -11.94
CA PHE B 192 24.06 -0.69 -10.73
C PHE B 192 24.46 0.08 -9.50
N ASP B 193 25.66 0.62 -9.46
CA ASP B 193 26.13 1.32 -8.28
C ASP B 193 25.27 2.54 -7.96
N THR B 194 24.90 3.28 -9.00
CA THR B 194 24.06 4.45 -8.86
C THR B 194 22.66 4.16 -8.36
N VAL B 195 22.04 3.14 -8.91
CA VAL B 195 20.75 2.64 -8.43
C VAL B 195 20.78 2.32 -6.93
N LEU B 196 21.82 1.60 -6.50
CA LEU B 196 21.92 1.23 -5.08
C LEU B 196 22.19 2.39 -4.14
N LYS B 197 22.94 3.38 -4.61
CA LYS B 197 23.35 4.48 -3.72
C LYS B 197 22.24 5.52 -3.59
N GLU B 198 21.59 5.77 -4.73
CA GLU B 198 20.62 6.86 -4.83
C GLU B 198 19.13 6.46 -4.51
N ALA B 199 18.75 5.20 -4.62
CA ALA B 199 17.31 4.82 -4.55
C ALA B 199 16.82 4.88 -3.15
N ASP B 200 15.57 5.31 -2.96
CA ASP B 200 14.93 5.26 -1.64
C ASP B 200 14.13 4.00 -1.50
N ILE B 201 13.76 3.40 -2.62
CA ILE B 201 13.00 2.20 -2.59
C ILE B 201 13.62 1.43 -3.71
N ILE B 202 14.01 0.21 -3.41
CA ILE B 202 14.68 -0.65 -4.41
C ILE B 202 13.87 -1.91 -4.55
N SER B 203 13.61 -2.29 -5.79
CA SER B 203 12.81 -3.47 -6.08
C SER B 203 13.50 -4.34 -7.12
N LEU B 204 13.53 -5.64 -6.83
CA LEU B 204 14.25 -6.63 -7.64
C LEU B 204 13.42 -7.22 -8.74
N HIS B 205 13.94 -7.18 -9.96
CA HIS B 205 13.27 -7.75 -11.12
C HIS B 205 14.25 -8.50 -12.06
N THR B 206 15.24 -9.11 -11.42
CA THR B 206 16.29 -9.95 -12.05
C THR B 206 15.94 -11.43 -12.07
N PRO B 207 16.19 -12.12 -13.19
CA PRO B 207 16.07 -13.60 -13.15
C PRO B 207 17.12 -14.27 -12.25
N LEU B 208 16.75 -15.39 -11.64
CA LEU B 208 17.74 -16.14 -10.83
C LEU B 208 18.58 -16.96 -11.78
N LEU B 209 19.88 -16.72 -11.72
CA LEU B 209 20.90 -17.41 -12.50
C LEU B 209 22.05 -17.62 -11.55
N LYS B 210 23.02 -18.44 -11.89
CA LYS B 210 24.09 -18.70 -10.93
C LYS B 210 24.86 -17.42 -10.67
N SER B 211 24.96 -16.57 -11.70
CA SER B 211 25.55 -15.23 -11.55
C SER B 211 24.72 -14.28 -10.70
N THR B 212 23.47 -14.59 -10.37
CA THR B 212 22.65 -13.63 -9.62
C THR B 212 22.31 -14.09 -8.20
N GLU B 213 22.58 -15.37 -7.89
CA GLU B 213 22.35 -15.87 -6.55
C GLU B 213 23.03 -14.94 -5.64
N ASN B 214 22.38 -14.55 -4.56
CA ASN B 214 22.99 -13.69 -3.57
C ASN B 214 23.51 -12.33 -4.12
N MET B 215 22.99 -11.85 -5.24
CA MET B 215 23.49 -10.59 -5.78
C MET B 215 23.22 -9.42 -4.82
N ILE B 216 22.25 -9.56 -3.92
CA ILE B 216 22.08 -8.57 -2.83
C ILE B 216 22.53 -9.14 -1.48
N GLY B 217 23.68 -8.65 -1.03
CA GLY B 217 24.24 -9.09 0.24
C GLY B 217 24.89 -7.99 1.04
N LYS B 218 25.75 -8.37 1.98
CA LYS B 218 26.24 -7.43 2.96
C LYS B 218 26.77 -6.15 2.36
N LYS B 219 27.47 -6.27 1.23
CA LYS B 219 28.14 -5.14 0.60
C LYS B 219 27.14 -4.20 -0.01
N GLN B 220 26.08 -4.76 -0.59
CA GLN B 220 25.03 -3.94 -1.20
C GLN B 220 24.22 -3.22 -0.11
N PHE B 221 23.87 -3.91 0.95
CA PHE B 221 23.16 -3.27 2.06
C PHE B 221 23.91 -2.06 2.62
N ALA B 222 25.23 -2.23 2.80
CA ALA B 222 26.12 -1.13 3.24
C ALA B 222 26.16 0.04 2.25
N GLU B 223 26.01 -0.27 0.98
CA GLU B 223 25.90 0.77 -0.04
C GLU B 223 24.55 1.48 -0.06
N MET B 224 23.48 0.78 0.30
CA MET B 224 22.15 1.33 0.29
C MET B 224 22.08 2.48 1.28
N LYS B 225 21.13 3.39 1.07
CA LYS B 225 20.88 4.43 2.03
C LYS B 225 20.27 3.77 3.25
N ASN B 226 20.53 4.36 4.40
CA ASN B 226 20.10 3.81 5.68
C ASN B 226 18.60 3.76 5.84
N ASP B 227 17.89 4.73 5.24
CA ASP B 227 16.43 4.73 5.20
C ASP B 227 15.81 4.08 3.96
N ALA B 228 16.55 3.22 3.29
CA ALA B 228 16.08 2.66 2.07
C ALA B 228 15.14 1.53 2.41
N ILE B 229 14.31 1.15 1.45
CA ILE B 229 13.35 0.05 1.59
C ILE B 229 13.60 -0.91 0.46
N LEU B 230 13.85 -2.17 0.80
CA LEU B 230 14.09 -3.16 -0.21
C LEU B 230 12.85 -3.98 -0.46
N ILE B 231 12.44 -4.14 -1.71
CA ILE B 231 11.37 -5.02 -2.02
C ILE B 231 11.89 -6.17 -2.92
N ASN B 232 11.47 -7.39 -2.64
CA ASN B 232 11.80 -8.49 -3.53
C ASN B 232 10.57 -9.30 -3.73
N ALA B 233 9.91 -9.03 -4.84
CA ALA B 233 8.96 -9.94 -5.40
C ALA B 233 9.53 -10.77 -6.62
N ALA B 234 10.83 -10.91 -6.76
CA ALA B 234 11.33 -11.71 -7.85
C ALA B 234 11.65 -13.14 -7.42
N ARG B 235 12.80 -13.37 -6.82
CA ARG B 235 13.24 -14.70 -6.46
C ARG B 235 13.97 -14.58 -5.18
N GLY B 236 13.51 -15.35 -4.20
CA GLY B 236 14.11 -15.36 -2.89
C GLY B 236 15.61 -15.46 -2.91
N GLU B 237 16.15 -16.27 -3.84
CA GLU B 237 17.61 -16.57 -3.82
C GLU B 237 18.51 -15.43 -4.23
N LEU B 238 17.92 -14.36 -4.77
CA LEU B 238 18.65 -13.13 -5.09
C LEU B 238 19.22 -12.40 -3.86
N VAL B 239 18.68 -12.62 -2.68
CA VAL B 239 19.04 -11.86 -1.50
C VAL B 239 19.57 -12.84 -0.44
N ASP B 240 20.74 -12.56 0.11
CA ASP B 240 21.27 -13.26 1.26
C ASP B 240 20.45 -12.86 2.46
N THR B 241 19.60 -13.76 2.91
CA THR B 241 18.72 -13.46 4.04
C THR B 241 19.40 -13.07 5.33
N ALA B 242 20.53 -13.69 5.66
CA ALA B 242 21.16 -13.36 6.94
C ALA B 242 21.69 -11.98 6.85
N ALA B 243 22.28 -11.64 5.71
CA ALA B 243 22.75 -10.26 5.44
C ALA B 243 21.63 -9.25 5.57
N LEU B 244 20.45 -9.62 5.03
CA LEU B 244 19.23 -8.83 5.19
C LEU B 244 18.79 -8.61 6.63
N ILE B 245 18.60 -9.70 7.37
CA ILE B 245 18.18 -9.62 8.76
C ILE B 245 19.10 -8.72 9.54
N GLU B 246 20.39 -8.91 9.31
CA GLU B 246 21.36 -8.11 10.02
C GLU B 246 21.26 -6.63 9.62
N ALA B 247 21.07 -6.37 8.32
CA ALA B 247 20.98 -5.00 7.85
C ALA B 247 19.74 -4.33 8.50
N LEU B 248 18.65 -5.08 8.63
CA LEU B 248 17.46 -4.55 9.28
C LEU B 248 17.74 -4.29 10.77
N GLU B 249 18.36 -5.23 11.46
CA GLU B 249 18.65 -5.05 12.90
C GLU B 249 19.68 -3.93 13.15
N LYS B 250 20.61 -3.77 12.22
CA LYS B 250 21.60 -2.68 12.34
C LYS B 250 21.03 -1.32 11.92
N HIS B 251 19.85 -1.33 11.32
CA HIS B 251 19.29 -0.11 10.71
C HIS B 251 20.16 0.42 9.55
N GLU B 252 20.86 -0.47 8.82
CA GLU B 252 21.56 -0.04 7.60
C GLU B 252 20.53 0.10 6.47
N ILE B 253 19.40 -0.59 6.57
CA ILE B 253 18.20 -0.24 5.79
C ILE B 253 17.01 -0.01 6.77
N ALA B 254 15.87 0.49 6.26
CA ALA B 254 14.72 0.90 7.10
C ALA B 254 13.62 -0.15 7.12
N ALA B 255 13.52 -0.98 6.07
CA ALA B 255 12.37 -1.83 5.90
C ALA B 255 12.53 -2.76 4.75
N ALA B 256 11.75 -3.83 4.73
CA ALA B 256 11.75 -4.79 3.62
C ALA B 256 10.42 -5.51 3.42
N GLY B 257 10.04 -5.64 2.14
CA GLY B 257 8.92 -6.35 1.67
C GLY B 257 9.30 -7.53 0.79
N LEU B 258 9.01 -8.73 1.26
CA LEU B 258 9.48 -9.94 0.59
C LEU B 258 8.30 -10.77 0.29
N ASP B 259 8.13 -11.08 -1.00
CA ASP B 259 7.13 -12.07 -1.42
C ASP B 259 7.81 -13.41 -1.63
N THR B 260 9.10 -13.46 -1.38
CA THR B 260 9.85 -14.66 -1.68
C THR B 260 11.12 -14.67 -0.83
N LEU B 261 11.53 -15.86 -0.40
CA LEU B 261 12.70 -16.00 0.47
C LEU B 261 13.41 -17.23 0.04
N ALA B 262 14.70 -17.19 0.24
CA ALA B 262 15.50 -18.40 0.04
C ALA B 262 14.96 -19.55 0.94
N HIS B 263 14.91 -20.76 0.41
CA HIS B 263 14.44 -21.96 1.14
C HIS B 263 12.98 -21.91 1.43
N GLU B 264 12.23 -21.10 0.69
CA GLU B 264 10.79 -21.05 0.92
C GLU B 264 10.06 -22.37 0.61
N SER B 265 10.71 -23.24 -0.14
CA SER B 265 10.14 -24.51 -0.57
C SER B 265 9.77 -25.39 0.60
N SER B 266 10.50 -25.27 1.69
CA SER B 266 10.19 -26.03 2.89
C SER B 266 8.80 -25.69 3.39
N TYR B 267 8.40 -24.42 3.34
CA TYR B 267 7.11 -24.01 3.91
C TYR B 267 6.06 -23.28 3.06
N PHE B 268 6.45 -22.54 2.04
CA PHE B 268 5.50 -21.78 1.26
C PHE B 268 4.53 -22.71 0.56
N PHE B 269 3.27 -22.30 0.45
CA PHE B 269 2.25 -23.15 -0.19
C PHE B 269 1.85 -24.39 0.63
N LYS B 270 2.22 -24.44 1.90
CA LYS B 270 1.88 -25.58 2.77
C LYS B 270 1.27 -25.12 4.10
N LYS B 271 0.71 -26.09 4.81
CA LYS B 271 0.33 -25.95 6.20
C LYS B 271 1.33 -26.73 7.04
N VAL B 272 1.77 -26.13 8.14
CA VAL B 272 2.90 -26.63 8.87
C VAL B 272 2.75 -26.27 10.35
N ASP B 273 3.47 -26.99 11.22
CA ASP B 273 3.57 -26.61 12.64
C ASP B 273 4.71 -25.67 12.81
N ASP B 274 4.76 -25.12 14.01
CA ASP B 274 5.79 -24.22 14.41
C ASP B 274 7.22 -24.67 14.24
N ALA B 275 7.46 -25.96 14.49
CA ALA B 275 8.81 -26.56 14.39
C ALA B 275 9.21 -26.74 12.93
N GLN B 276 8.23 -26.67 12.03
CA GLN B 276 8.49 -26.73 10.58
C GLN B 276 8.88 -25.37 9.94
N ILE B 277 8.75 -24.26 10.66
CA ILE B 277 9.00 -22.92 10.08
C ILE B 277 10.45 -22.53 10.43
N PRO B 278 11.27 -22.20 9.42
CA PRO B 278 12.67 -21.88 9.72
C PRO B 278 12.82 -20.61 10.51
N ALA B 279 13.98 -20.45 11.11
CA ALA B 279 14.20 -19.39 12.08
C ALA B 279 14.39 -17.98 11.43
N ASP B 280 14.95 -17.94 10.22
CA ASP B 280 15.07 -16.68 9.50
C ASP B 280 13.69 -16.06 9.24
N TYR B 281 12.76 -16.83 8.68
CA TYR B 281 11.39 -16.35 8.53
C TYR B 281 10.78 -15.81 9.83
N LYS B 282 10.93 -16.55 10.93
CA LYS B 282 10.39 -16.12 12.25
C LYS B 282 11.01 -14.80 12.70
N LYS B 283 12.30 -14.61 12.41
CA LYS B 283 12.93 -13.36 12.76
C LYS B 283 12.29 -12.21 11.94
N LEU B 284 12.14 -12.41 10.64
CA LEU B 284 11.62 -11.34 9.76
C LEU B 284 10.13 -11.09 10.11
N ALA B 285 9.43 -12.16 10.42
CA ALA B 285 8.02 -12.07 10.70
C ALA B 285 7.78 -11.27 11.97
N ALA B 286 8.78 -11.19 12.86
CA ALA B 286 8.55 -10.49 14.09
C ALA B 286 8.86 -9.00 13.99
N MET B 287 9.34 -8.56 12.83
CA MET B 287 9.76 -7.13 12.72
C MET B 287 8.65 -6.25 12.18
N PRO B 288 8.34 -5.15 12.86
CA PRO B 288 7.26 -4.30 12.35
C PRO B 288 7.52 -3.57 11.00
N ASN B 289 8.76 -3.54 10.52
CA ASN B 289 9.13 -2.89 9.29
C ASN B 289 9.48 -3.89 8.20
N VAL B 290 8.85 -5.07 8.28
CA VAL B 290 9.01 -6.13 7.33
C VAL B 290 7.63 -6.68 6.96
N ILE B 291 7.42 -6.95 5.69
CA ILE B 291 6.26 -7.73 5.22
C ILE B 291 6.82 -9.00 4.59
N VAL B 292 6.24 -10.14 4.90
CA VAL B 292 6.49 -11.34 4.12
C VAL B 292 5.17 -11.94 3.70
N THR B 293 4.97 -12.13 2.41
CA THR B 293 3.81 -12.78 1.91
C THR B 293 4.25 -14.10 1.24
N PRO B 294 3.36 -15.09 1.19
CA PRO B 294 3.76 -16.43 0.78
C PRO B 294 3.70 -16.57 -0.73
N HIS B 295 4.59 -15.85 -1.41
CA HIS B 295 4.71 -15.82 -2.87
C HIS B 295 3.37 -15.63 -3.53
N SER B 296 2.58 -14.67 -3.05
CA SER B 296 1.24 -14.47 -3.59
C SER B 296 1.07 -13.21 -4.46
N ALA B 297 2.18 -12.61 -4.89
CA ALA B 297 2.10 -11.42 -5.75
C ALA B 297 1.25 -11.71 -6.97
N TYR B 298 1.40 -12.92 -7.52
CA TYR B 298 0.67 -13.30 -8.73
C TYR B 298 -0.82 -13.40 -8.49
N PHE B 299 -1.21 -13.54 -7.22
CA PHE B 299 -2.49 -14.17 -6.92
C PHE B 299 -3.71 -13.23 -7.08
N THR B 300 -4.08 -12.96 -8.35
CA THR B 300 -5.30 -12.24 -8.61
C THR B 300 -6.18 -13.06 -9.48
N LYS B 301 -7.42 -12.62 -9.59
CA LYS B 301 -8.42 -13.25 -10.46
C LYS B 301 -7.93 -13.31 -11.91
N THR B 302 -7.28 -12.24 -12.34
CA THR B 302 -6.73 -12.17 -13.69
C THR B 302 -5.65 -13.22 -13.92
N SER B 303 -4.74 -13.38 -12.98
CA SER B 303 -3.65 -14.33 -13.16
C SER B 303 -4.20 -15.72 -13.17
N VAL B 304 -5.12 -16.00 -12.25
CA VAL B 304 -5.73 -17.32 -12.18
C VAL B 304 -6.46 -17.61 -13.48
N ARG B 305 -7.25 -16.65 -13.97
CA ARG B 305 -7.95 -16.82 -15.26
C ARG B 305 -7.00 -17.07 -16.44
N ASN B 306 -5.88 -16.34 -16.46
CA ASN B 306 -4.96 -16.41 -17.58
C ASN B 306 -4.21 -17.69 -17.59
N MET B 307 -3.72 -18.10 -16.44
CA MET B 307 -3.08 -19.41 -16.31
C MET B 307 -3.94 -20.52 -16.87
N ILE B 308 -5.23 -20.45 -16.60
CA ILE B 308 -6.13 -21.49 -17.08
C ILE B 308 -6.38 -21.32 -18.57
N GLU B 309 -6.65 -20.09 -18.99
CA GLU B 309 -7.13 -19.85 -20.34
C GLU B 309 -6.04 -19.90 -21.37
N ILE B 310 -4.90 -19.29 -21.08
CA ILE B 310 -3.76 -19.35 -21.97
C ILE B 310 -3.31 -20.77 -22.22
N SER B 311 -3.10 -21.53 -21.15
CA SER B 311 -2.72 -22.93 -21.30
C SER B 311 -3.76 -23.77 -22.04
N LEU B 312 -5.03 -23.48 -21.80
CA LEU B 312 -6.11 -24.25 -22.45
C LEU B 312 -6.16 -23.98 -23.98
N ARG B 313 -5.93 -22.73 -24.36
CA ARG B 313 -5.95 -22.32 -25.76
C ARG B 313 -4.87 -23.04 -26.56
N ASP B 314 -3.63 -22.89 -26.12
CA ASP B 314 -2.53 -23.62 -26.73
C ASP B 314 -2.87 -25.08 -26.80
N THR B 315 -3.41 -25.64 -25.70
CA THR B 315 -3.57 -27.09 -25.60
C THR B 315 -4.67 -27.61 -26.51
N ILE B 316 -5.71 -26.81 -26.78
CA ILE B 316 -6.76 -27.20 -27.75
C ILE B 316 -6.27 -26.98 -29.19
N ALA B 317 -5.52 -25.91 -29.42
CA ALA B 317 -4.94 -25.68 -30.74
C ALA B 317 -4.15 -26.92 -31.15
N LEU B 318 -3.35 -27.44 -30.21
CA LEU B 318 -2.48 -28.58 -30.45
C LEU B 318 -3.24 -29.89 -30.59
N ALA B 319 -4.41 -29.97 -29.96
CA ALA B 319 -5.30 -31.13 -30.16
C ALA B 319 -5.83 -31.17 -31.60
N ASN B 320 -6.13 -29.98 -32.13
CA ASN B 320 -6.51 -29.76 -33.54
C ASN B 320 -5.32 -29.55 -34.49
N GLY B 321 -4.12 -30.03 -34.12
CA GLY B 321 -2.90 -29.67 -34.84
C GLY B 321 -2.87 -28.24 -35.39
N GLU B 322 -3.46 -27.28 -34.67
CA GLU B 322 -3.36 -25.85 -35.02
C GLU B 322 -2.13 -25.36 -34.28
N ARG B 323 -1.68 -24.13 -34.54
CA ARG B 323 -0.43 -23.64 -33.93
C ARG B 323 -0.69 -23.02 -32.54
N ALA B 324 0.39 -22.79 -31.78
CA ALA B 324 0.27 -22.39 -30.38
C ALA B 324 1.33 -21.37 -29.93
N HIS B 325 0.90 -20.45 -29.09
CA HIS B 325 1.72 -19.33 -28.66
C HIS B 325 2.91 -19.71 -27.78
N PHE B 326 2.76 -20.65 -26.86
CA PHE B 326 3.81 -20.76 -25.85
C PHE B 326 4.44 -22.14 -25.77
N VAL B 327 4.70 -22.71 -26.93
CA VAL B 327 5.53 -23.91 -27.04
C VAL B 327 6.91 -23.69 -26.42
N VAL B 328 7.40 -24.70 -25.72
CA VAL B 328 8.76 -24.73 -25.18
C VAL B 328 9.38 -26.12 -25.47
N SER B 329 9.94 -26.30 -26.68
CA SER B 329 10.52 -27.59 -27.09
C SER B 329 11.17 -27.55 -28.48
#